data_9BZW
# 
_entry.id   9BZW 
# 
_audit_conform.dict_name       mmcif_pdbx.dic 
_audit_conform.dict_version    5.407 
_audit_conform.dict_location   http://mmcif.pdb.org/dictionaries/ascii/mmcif_pdbx.dic 
# 
loop_
_database_2.database_id 
_database_2.database_code 
_database_2.pdbx_database_accession 
_database_2.pdbx_DOI 
PDB   9BZW         pdb_00009bzw 10.2210/pdb9bzw/pdb 
WWPDB D_1000282894 ?            ?                   
# 
_pdbx_audit_revision_history.ordinal             1 
_pdbx_audit_revision_history.data_content_type   'Structure model' 
_pdbx_audit_revision_history.major_revision      1 
_pdbx_audit_revision_history.minor_revision      0 
_pdbx_audit_revision_history.revision_date       2025-11-26 
_pdbx_audit_revision_history.part_number         ? 
# 
_pdbx_audit_revision_details.ordinal             1 
_pdbx_audit_revision_details.revision_ordinal    1 
_pdbx_audit_revision_details.data_content_type   'Structure model' 
_pdbx_audit_revision_details.provider            repository 
_pdbx_audit_revision_details.type                'Initial release' 
_pdbx_audit_revision_details.description         ? 
_pdbx_audit_revision_details.details             ? 
# 
_pdbx_database_status.status_code                     REL 
_pdbx_database_status.status_code_sf                  REL 
_pdbx_database_status.status_code_mr                  ? 
_pdbx_database_status.entry_id                        9BZW 
_pdbx_database_status.recvd_initial_deposition_date   2024-05-24 
_pdbx_database_status.SG_entry                        N 
_pdbx_database_status.deposit_site                    RCSB 
_pdbx_database_status.process_site                    RCSB 
_pdbx_database_status.status_code_cs                  ? 
_pdbx_database_status.status_code_nmr_data            ? 
_pdbx_database_status.methods_development_category    ? 
_pdbx_database_status.pdb_format_compatible           Y 
# 
_pdbx_contact_author.id                 2 
_pdbx_contact_author.email              andyn@uic.edu 
_pdbx_contact_author.name_first         Andy 
_pdbx_contact_author.name_last          Nguyen 
_pdbx_contact_author.name_mi            I 
_pdbx_contact_author.role               'principal investigator/group leader' 
_pdbx_contact_author.identifier_ORCID   0000-0003-4137-6453 
# 
_audit_author.name               'Heinz-Kunert, S.L.' 
_audit_author.pdbx_ordinal       1 
_audit_author.identifier_ORCID   0009-0002-5884-1294 
# 
_citation.abstract                  ? 
_citation.abstract_id_CAS           ? 
_citation.book_id_ISBN              ? 
_citation.book_publisher            ? 
_citation.book_publisher_city       ? 
_citation.book_title                ? 
_citation.coordinate_linkage        ? 
_citation.country                   ? 
_citation.database_id_Medline       ? 
_citation.details                   ? 
_citation.id                        primary 
_citation.journal_abbrev            'To Be Published' 
_citation.journal_id_ASTM           ? 
_citation.journal_id_CSD            0353 
_citation.journal_id_ISSN           ? 
_citation.journal_full              ? 
_citation.journal_issue             ? 
_citation.journal_volume            ? 
_citation.language                  ? 
_citation.page_first                ? 
_citation.page_last                 ? 
_citation.title                     'Evolvable conformational diversity in assemblies of short peptides' 
_citation.year                      ? 
_citation.database_id_CSD           ? 
_citation.pdbx_database_id_DOI      ? 
_citation.pdbx_database_id_PubMed   ? 
_citation.pdbx_database_id_patent   ? 
_citation.unpublished_flag          ? 
# 
loop_
_citation_author.citation_id 
_citation_author.name 
_citation_author.ordinal 
_citation_author.identifier_ORCID 
primary 'Heinz-Kunert, S.L.' 1 0009-0002-5884-1294 
primary 'Nguyen, A.I.'       2 0000-0003-4137-6453 
# 
loop_
_entity.id 
_entity.type 
_entity.src_method 
_entity.pdbx_description 
_entity.formula_weight 
_entity.pdbx_number_of_molecules 
_entity.pdbx_ec 
_entity.pdbx_mutation 
_entity.pdbx_fragment 
_entity.details 
1 polymer     syn UIC-1                                                   897.114 1 ? ? ? ? 
2 non-polymer syn "5'-(hydrazinecarbonyl)[2,2'-bipyridine]-5-carboxamide" 257.248 1 ? ? ? ? 
3 non-polymer syn 
;ethyl 5'-formyl[2,2'-bipyridine]-5-carboxylate
;
272.256 1 ? ? ? ? 
4 non-polymer syn PARA-XYLENE                                             106.165 3 ? ? ? ? 
# 
_entity_poly.entity_id                      1 
_entity_poly.type                           'polypeptide(L)' 
_entity_poly.nstd_linkage                   no 
_entity_poly.nstd_monomer                   yes 
_entity_poly.pdbx_seq_one_letter_code       'L(AIB)A(AIB)L(AIB)Q(AIB)L' 
_entity_poly.pdbx_seq_one_letter_code_can   LAAALAQAL 
_entity_poly.pdbx_strand_id                 A 
_entity_poly.pdbx_target_identifier         ? 
# 
loop_
_pdbx_entity_nonpoly.entity_id 
_pdbx_entity_nonpoly.name 
_pdbx_entity_nonpoly.comp_id 
2 "5'-(hydrazinecarbonyl)[2,2'-bipyridine]-5-carboxamide" I77 
3 
;ethyl 5'-formyl[2,2'-bipyridine]-5-carboxylate
;
I6W 
4 PARA-XYLENE                                             PXY 
# 
loop_
_entity_poly_seq.entity_id 
_entity_poly_seq.num 
_entity_poly_seq.mon_id 
_entity_poly_seq.hetero 
1 1 LEU n 
1 2 AIB n 
1 3 ALA n 
1 4 AIB n 
1 5 LEU n 
1 6 AIB n 
1 7 GLN n 
1 8 AIB n 
1 9 LEU n 
# 
_pdbx_entity_src_syn.entity_id              1 
_pdbx_entity_src_syn.pdbx_src_id            1 
_pdbx_entity_src_syn.pdbx_alt_source_flag   sample 
_pdbx_entity_src_syn.pdbx_beg_seq_num       1 
_pdbx_entity_src_syn.pdbx_end_seq_num       9 
_pdbx_entity_src_syn.organism_scientific    'synthetic construct' 
_pdbx_entity_src_syn.organism_common_name   ? 
_pdbx_entity_src_syn.ncbi_taxonomy_id       32630 
_pdbx_entity_src_syn.details                ? 
# 
loop_
_chem_comp.id 
_chem_comp.type 
_chem_comp.mon_nstd_flag 
_chem_comp.name 
_chem_comp.pdbx_synonyms 
_chem_comp.formula 
_chem_comp.formula_weight 
AIB 'L-peptide linking' n 'ALPHA-AMINOISOBUTYRIC ACID'                            ? 'C4 H9 N O2'    103.120 
ALA 'L-peptide linking' y ALANINE                                                 ? 'C3 H7 N O2'    89.093  
GLN 'L-peptide linking' y GLUTAMINE                                               ? 'C5 H10 N2 O3'  146.144 
I6W non-polymer         . 
;ethyl 5'-formyl[2,2'-bipyridine]-5-carboxylate
;
? 'C14 H12 N2 O4' 272.256 
I77 non-polymer         . "5'-(hydrazinecarbonyl)[2,2'-bipyridine]-5-carboxamide" ? 'C12 H11 N5 O2' 257.248 
LEU 'L-peptide linking' y LEUCINE                                                 ? 'C6 H13 N O2'   131.173 
PXY non-polymer         . PARA-XYLENE                                             ? 'C8 H10'        106.165 
# 
loop_
_pdbx_poly_seq_scheme.asym_id 
_pdbx_poly_seq_scheme.entity_id 
_pdbx_poly_seq_scheme.seq_id 
_pdbx_poly_seq_scheme.mon_id 
_pdbx_poly_seq_scheme.ndb_seq_num 
_pdbx_poly_seq_scheme.pdb_seq_num 
_pdbx_poly_seq_scheme.auth_seq_num 
_pdbx_poly_seq_scheme.pdb_mon_id 
_pdbx_poly_seq_scheme.auth_mon_id 
_pdbx_poly_seq_scheme.pdb_strand_id 
_pdbx_poly_seq_scheme.pdb_ins_code 
_pdbx_poly_seq_scheme.hetero 
A 1 1 LEU 1 2  2  LEU LEU A . n 
A 1 2 AIB 2 3  3  AIB AIB A . n 
A 1 3 ALA 3 4  4  ALA ALA A . n 
A 1 4 AIB 4 5  5  AIB AIB A . n 
A 1 5 LEU 5 6  6  LEU LEU A . n 
A 1 6 AIB 6 7  7  AIB AIB A . n 
A 1 7 GLN 7 8  8  GLN GLN A . n 
A 1 8 AIB 8 9  9  AIB AIB A . n 
A 1 9 LEU 9 10 10 LEU LEU A . n 
# 
loop_
_pdbx_entity_instance_feature.ordinal 
_pdbx_entity_instance_feature.comp_id 
_pdbx_entity_instance_feature.asym_id 
_pdbx_entity_instance_feature.seq_num 
_pdbx_entity_instance_feature.auth_comp_id 
_pdbx_entity_instance_feature.auth_asym_id 
_pdbx_entity_instance_feature.auth_seq_num 
_pdbx_entity_instance_feature.feature_type 
_pdbx_entity_instance_feature.details 
1 I77 ? ? I77 ? ? 'SUBJECT OF INVESTIGATION' ? 
2 I6W ? ? I6W ? ? 'SUBJECT OF INVESTIGATION' ? 
# 
loop_
_pdbx_nonpoly_scheme.asym_id 
_pdbx_nonpoly_scheme.entity_id 
_pdbx_nonpoly_scheme.mon_id 
_pdbx_nonpoly_scheme.ndb_seq_num 
_pdbx_nonpoly_scheme.pdb_seq_num 
_pdbx_nonpoly_scheme.auth_seq_num 
_pdbx_nonpoly_scheme.pdb_mon_id 
_pdbx_nonpoly_scheme.auth_mon_id 
_pdbx_nonpoly_scheme.pdb_strand_id 
_pdbx_nonpoly_scheme.pdb_ins_code 
B 2 I77 1 101 11 I77 BPH A . 
C 3 I6W 1 102 1  I6W BPE A . 
D 4 PXY 1 103 1  PXY PXY A . 
E 4 PXY 1 104 2  PXY PXY A . 
F 4 PXY 1 105 3  PXY PXY A . 
# 
loop_
_software.citation_id 
_software.classification 
_software.compiler_name 
_software.compiler_version 
_software.contact_author 
_software.contact_author_email 
_software.date 
_software.description 
_software.dependencies 
_software.hardware 
_software.language 
_software.location 
_software.mods 
_software.name 
_software.os 
_software.os_version 
_software.type 
_software.version 
_software.pdbx_ordinal 
? refinement       ? ? ? ? ? ? ? ? ? ? ? PHENIX ? ? ? 1.20.1_4487 1 
? 'data reduction' ? ? ? ? ? ? ? ? ? ? ? XDS    ? ? ? .           2 
? 'data scaling'   ? ? ? ? ? ? ? ? ? ? ? XDS    ? ? ? .           3 
? phasing          ? ? ? ? ? ? ? ? ? ? ? PHASER ? ? ? .           4 
# 
_cell.angle_alpha                  90.000 
_cell.angle_alpha_esd              ? 
_cell.angle_beta                   100.800 
_cell.angle_beta_esd               ? 
_cell.angle_gamma                  90.000 
_cell.angle_gamma_esd              ? 
_cell.entry_id                     9BZW 
_cell.details                      ? 
_cell.formula_units_Z              ? 
_cell.length_a                     13.972 
_cell.length_a_esd                 ? 
_cell.length_b                     13.502 
_cell.length_b_esd                 ? 
_cell.length_c                     28.764 
_cell.length_c_esd                 ? 
_cell.volume                       5330.212 
_cell.volume_esd                   ? 
_cell.Z_PDB                        2 
_cell.reciprocal_angle_alpha       ? 
_cell.reciprocal_angle_beta        ? 
_cell.reciprocal_angle_gamma       ? 
_cell.reciprocal_angle_alpha_esd   ? 
_cell.reciprocal_angle_beta_esd    ? 
_cell.reciprocal_angle_gamma_esd   ? 
_cell.reciprocal_length_a          ? 
_cell.reciprocal_length_b          ? 
_cell.reciprocal_length_c          ? 
_cell.reciprocal_length_a_esd      ? 
_cell.reciprocal_length_b_esd      ? 
_cell.reciprocal_length_c_esd      ? 
_cell.pdbx_unique_axis             ? 
_cell.pdbx_esd_method              ? 
# 
_symmetry.entry_id                         9BZW 
_symmetry.cell_setting                     ? 
_symmetry.Int_Tables_number                4 
_symmetry.space_group_name_Hall            'P 2yb' 
_symmetry.space_group_name_H-M             'P 1 21 1' 
_symmetry.pdbx_full_space_group_name_H-M   ? 
# 
_exptl.absorpt_coefficient_mu     ? 
_exptl.absorpt_correction_T_max   ? 
_exptl.absorpt_correction_T_min   ? 
_exptl.absorpt_correction_type    ? 
_exptl.absorpt_process_details    ? 
_exptl.entry_id                   9BZW 
_exptl.crystals_number            1 
_exptl.details                    ? 
_exptl.method                     'X-RAY DIFFRACTION' 
_exptl.method_details             ? 
# 
_exptl_crystal.colour                       ? 
_exptl_crystal.density_diffrn               ? 
_exptl_crystal.density_Matthews             1.55 
_exptl_crystal.density_method               ? 
_exptl_crystal.density_percent_sol          20.5 
_exptl_crystal.description                  ? 
_exptl_crystal.F_000                        ? 
_exptl_crystal.id                           1 
_exptl_crystal.preparation                  ? 
_exptl_crystal.size_max                     ? 
_exptl_crystal.size_mid                     ? 
_exptl_crystal.size_min                     ? 
_exptl_crystal.size_rad                     ? 
_exptl_crystal.colour_lustre                ? 
_exptl_crystal.colour_modifier              ? 
_exptl_crystal.colour_primary               ? 
_exptl_crystal.density_meas                 ? 
_exptl_crystal.density_meas_esd             ? 
_exptl_crystal.density_meas_gt              ? 
_exptl_crystal.density_meas_lt              ? 
_exptl_crystal.density_meas_temp            ? 
_exptl_crystal.density_meas_temp_esd        ? 
_exptl_crystal.density_meas_temp_gt         ? 
_exptl_crystal.density_meas_temp_lt         ? 
_exptl_crystal.pdbx_crystal_image_url       ? 
_exptl_crystal.pdbx_crystal_image_format    ? 
_exptl_crystal.pdbx_mosaicity               ? 
_exptl_crystal.pdbx_mosaicity_esd           ? 
_exptl_crystal.pdbx_mosaic_method           ? 
_exptl_crystal.pdbx_mosaic_block_size       ? 
_exptl_crystal.pdbx_mosaic_block_size_esd   ? 
# 
_exptl_crystal_grow.apparatus       ? 
_exptl_crystal_grow.atmosphere      ? 
_exptl_crystal_grow.crystal_id      1 
_exptl_crystal_grow.details         ? 
_exptl_crystal_grow.method          'SLOW COOLING' 
_exptl_crystal_grow.method_ref      ? 
_exptl_crystal_grow.pH              ? 
_exptl_crystal_grow.pressure        ? 
_exptl_crystal_grow.pressure_esd    ? 
_exptl_crystal_grow.seeding         ? 
_exptl_crystal_grow.seeding_ref     ? 
_exptl_crystal_grow.temp_details    ? 
_exptl_crystal_grow.temp_esd        ? 
_exptl_crystal_grow.time            ? 
_exptl_crystal_grow.pdbx_details    'acetonitrile and water' 
_exptl_crystal_grow.pdbx_pH_range   ? 
_exptl_crystal_grow.temp            298 
# 
_diffrn.ambient_environment              ? 
_diffrn.ambient_temp                     100 
_diffrn.ambient_temp_details             ? 
_diffrn.ambient_temp_esd                 ? 
_diffrn.crystal_id                       1 
_diffrn.crystal_support                  ? 
_diffrn.crystal_treatment                ? 
_diffrn.details                          ? 
_diffrn.id                               1 
_diffrn.ambient_pressure                 ? 
_diffrn.ambient_pressure_esd             ? 
_diffrn.ambient_pressure_gt              ? 
_diffrn.ambient_pressure_lt              ? 
_diffrn.ambient_temp_gt                  ? 
_diffrn.ambient_temp_lt                  ? 
_diffrn.pdbx_serial_crystal_experiment   N 
# 
_diffrn_detector.details                      ? 
_diffrn_detector.detector                     PIXEL 
_diffrn_detector.diffrn_id                    1 
_diffrn_detector.type                         'DECTRIS EIGER X 9M' 
_diffrn_detector.area_resol_mean              ? 
_diffrn_detector.dtime                        ? 
_diffrn_detector.pdbx_frames_total            ? 
_diffrn_detector.pdbx_collection_time_total   ? 
_diffrn_detector.pdbx_collection_date         2022-07-29 
_diffrn_detector.pdbx_frequency               ? 
_diffrn_detector.id                           ? 
_diffrn_detector.number_of_axes               ? 
# 
_diffrn_radiation.collimation                      ? 
_diffrn_radiation.diffrn_id                        1 
_diffrn_radiation.filter_edge                      ? 
_diffrn_radiation.inhomogeneity                    ? 
_diffrn_radiation.monochromator                    ? 
_diffrn_radiation.polarisn_norm                    ? 
_diffrn_radiation.polarisn_ratio                   ? 
_diffrn_radiation.probe                            ? 
_diffrn_radiation.type                             ? 
_diffrn_radiation.xray_symbol                      ? 
_diffrn_radiation.wavelength_id                    1 
_diffrn_radiation.pdbx_monochromatic_or_laue_m_l   M 
_diffrn_radiation.pdbx_wavelength_list             ? 
_diffrn_radiation.pdbx_wavelength                  ? 
_diffrn_radiation.pdbx_diffrn_protocol             'SINGLE WAVELENGTH' 
_diffrn_radiation.pdbx_analyzer                    ? 
_diffrn_radiation.pdbx_scattering_type             x-ray 
# 
_diffrn_radiation_wavelength.id           1 
_diffrn_radiation_wavelength.wavelength   0.97856 
_diffrn_radiation_wavelength.wt           1.0 
# 
_diffrn_source.current                     ? 
_diffrn_source.details                     ? 
_diffrn_source.diffrn_id                   1 
_diffrn_source.power                       ? 
_diffrn_source.size                        ? 
_diffrn_source.source                      SYNCHROTRON 
_diffrn_source.target                      ? 
_diffrn_source.type                        'APS BEAMLINE 21-ID-G' 
_diffrn_source.voltage                     ? 
_diffrn_source.take-off_angle              ? 
_diffrn_source.pdbx_wavelength_list        0.97856 
_diffrn_source.pdbx_wavelength             ? 
_diffrn_source.pdbx_synchrotron_beamline   21-ID-G 
_diffrn_source.pdbx_synchrotron_site       APS 
# 
_reflns.B_iso_Wilson_estimate                          7.80 
_reflns.entry_id                                       9BZW 
_reflns.data_reduction_details                         ? 
_reflns.data_reduction_method                          ? 
_reflns.d_resolution_high                              1.33 
_reflns.d_resolution_low                               12.18 
_reflns.details                                        ? 
_reflns.limit_h_max                                    ? 
_reflns.limit_h_min                                    ? 
_reflns.limit_k_max                                    ? 
_reflns.limit_k_min                                    ? 
_reflns.limit_l_max                                    ? 
_reflns.limit_l_min                                    ? 
_reflns.number_all                                     ? 
_reflns.number_obs                                     2291 
_reflns.observed_criterion                             ? 
_reflns.observed_criterion_F_max                       ? 
_reflns.observed_criterion_F_min                       ? 
_reflns.observed_criterion_I_max                       ? 
_reflns.observed_criterion_I_min                       ? 
_reflns.observed_criterion_sigma_F                     ? 
_reflns.observed_criterion_sigma_I                     ? 
_reflns.percent_possible_obs                           89.82 
_reflns.R_free_details                                 ? 
_reflns.Rmerge_F_all                                   ? 
_reflns.Rmerge_F_obs                                   ? 
_reflns.Friedel_coverage                               ? 
_reflns.number_gt                                      ? 
_reflns.threshold_expression                           ? 
_reflns.pdbx_redundancy                                5.8 
_reflns.pdbx_netI_over_av_sigmaI                       ? 
_reflns.pdbx_netI_over_sigmaI                          28.65 
_reflns.pdbx_res_netI_over_av_sigmaI_2                 ? 
_reflns.pdbx_res_netI_over_sigmaI_2                    ? 
_reflns.pdbx_chi_squared                               ? 
_reflns.pdbx_scaling_rejects                           ? 
_reflns.pdbx_d_res_high_opt                            ? 
_reflns.pdbx_d_res_low_opt                             ? 
_reflns.pdbx_d_res_opt_method                          ? 
_reflns.phase_calculation_details                      ? 
_reflns.pdbx_Rrim_I_all                                ? 
_reflns.pdbx_Rpim_I_all                                ? 
_reflns.pdbx_d_opt                                     ? 
_reflns.pdbx_number_measured_all                       ? 
_reflns.pdbx_diffrn_id                                 1 
_reflns.pdbx_ordinal                                   1 
_reflns.pdbx_CC_half                                   0.997 
_reflns.pdbx_CC_star                                   ? 
_reflns.pdbx_R_split                                   ? 
_reflns.pdbx_Rmerge_I_obs                              ? 
_reflns.pdbx_Rmerge_I_all                              ? 
_reflns.pdbx_Rsym_value                                ? 
_reflns.pdbx_CC_split_method                           ? 
_reflns.pdbx_aniso_diffraction_limit_axis_1_ortho[1]   ? 
_reflns.pdbx_aniso_diffraction_limit_axis_1_ortho[2]   ? 
_reflns.pdbx_aniso_diffraction_limit_axis_1_ortho[3]   ? 
_reflns.pdbx_aniso_diffraction_limit_axis_2_ortho[1]   ? 
_reflns.pdbx_aniso_diffraction_limit_axis_2_ortho[2]   ? 
_reflns.pdbx_aniso_diffraction_limit_axis_2_ortho[3]   ? 
_reflns.pdbx_aniso_diffraction_limit_axis_3_ortho[1]   ? 
_reflns.pdbx_aniso_diffraction_limit_axis_3_ortho[2]   ? 
_reflns.pdbx_aniso_diffraction_limit_axis_3_ortho[3]   ? 
_reflns.pdbx_aniso_diffraction_limit_1                 ? 
_reflns.pdbx_aniso_diffraction_limit_2                 ? 
_reflns.pdbx_aniso_diffraction_limit_3                 ? 
_reflns.pdbx_aniso_B_tensor_eigenvector_1_ortho[1]     ? 
_reflns.pdbx_aniso_B_tensor_eigenvector_1_ortho[2]     ? 
_reflns.pdbx_aniso_B_tensor_eigenvector_1_ortho[3]     ? 
_reflns.pdbx_aniso_B_tensor_eigenvector_2_ortho[1]     ? 
_reflns.pdbx_aniso_B_tensor_eigenvector_2_ortho[2]     ? 
_reflns.pdbx_aniso_B_tensor_eigenvector_2_ortho[3]     ? 
_reflns.pdbx_aniso_B_tensor_eigenvector_3_ortho[1]     ? 
_reflns.pdbx_aniso_B_tensor_eigenvector_3_ortho[2]     ? 
_reflns.pdbx_aniso_B_tensor_eigenvector_3_ortho[3]     ? 
_reflns.pdbx_aniso_B_tensor_eigenvalue_1               ? 
_reflns.pdbx_aniso_B_tensor_eigenvalue_2               ? 
_reflns.pdbx_aniso_B_tensor_eigenvalue_3               ? 
_reflns.pdbx_orthogonalization_convention              ? 
_reflns.pdbx_percent_possible_ellipsoidal              ? 
_reflns.pdbx_percent_possible_spherical                ? 
_reflns.pdbx_percent_possible_ellipsoidal_anomalous    ? 
_reflns.pdbx_percent_possible_spherical_anomalous      ? 
_reflns.pdbx_redundancy_anomalous                      ? 
_reflns.pdbx_CC_half_anomalous                         ? 
_reflns.pdbx_absDiff_over_sigma_anomalous              ? 
_reflns.pdbx_percent_possible_anomalous                ? 
_reflns.pdbx_observed_signal_threshold                 ? 
_reflns.pdbx_signal_type                               ? 
_reflns.pdbx_signal_details                            ? 
_reflns.pdbx_signal_software_id                        ? 
# 
_reflns_shell.d_res_high                                    1.33 
_reflns_shell.d_res_low                                     1.38 
_reflns_shell.meanI_over_sigI_all                           ? 
_reflns_shell.meanI_over_sigI_obs                           ? 
_reflns_shell.number_measured_all                           ? 
_reflns_shell.number_measured_obs                           ? 
_reflns_shell.number_possible                               ? 
_reflns_shell.number_unique_all                             ? 
_reflns_shell.number_unique_obs                             126 
_reflns_shell.percent_possible_obs                          ? 
_reflns_shell.Rmerge_F_all                                  ? 
_reflns_shell.Rmerge_F_obs                                  ? 
_reflns_shell.meanI_over_sigI_gt                            ? 
_reflns_shell.meanI_over_uI_all                             ? 
_reflns_shell.meanI_over_uI_gt                              ? 
_reflns_shell.number_measured_gt                            ? 
_reflns_shell.number_unique_gt                              ? 
_reflns_shell.percent_possible_gt                           ? 
_reflns_shell.Rmerge_F_gt                                   ? 
_reflns_shell.Rmerge_I_gt                                   ? 
_reflns_shell.pdbx_redundancy                               ? 
_reflns_shell.pdbx_chi_squared                              ? 
_reflns_shell.pdbx_netI_over_sigmaI_all                     ? 
_reflns_shell.pdbx_netI_over_sigmaI_obs                     ? 
_reflns_shell.pdbx_Rrim_I_all                               ? 
_reflns_shell.pdbx_Rpim_I_all                               ? 
_reflns_shell.pdbx_rejects                                  ? 
_reflns_shell.pdbx_ordinal                                  1 
_reflns_shell.pdbx_diffrn_id                                1 
_reflns_shell.pdbx_CC_half                                  0.939 
_reflns_shell.pdbx_CC_star                                  ? 
_reflns_shell.pdbx_R_split                                  ? 
_reflns_shell.percent_possible_all                          ? 
_reflns_shell.Rmerge_I_all                                  ? 
_reflns_shell.Rmerge_I_obs                                  ? 
_reflns_shell.pdbx_Rsym_value                               ? 
_reflns_shell.pdbx_percent_possible_ellipsoidal             ? 
_reflns_shell.pdbx_percent_possible_spherical               ? 
_reflns_shell.pdbx_percent_possible_ellipsoidal_anomalous   ? 
_reflns_shell.pdbx_percent_possible_spherical_anomalous     ? 
_reflns_shell.pdbx_redundancy_anomalous                     ? 
_reflns_shell.pdbx_CC_half_anomalous                        ? 
_reflns_shell.pdbx_absDiff_over_sigma_anomalous             ? 
_reflns_shell.pdbx_percent_possible_anomalous               ? 
# 
_refine.aniso_B[1][1]                            ? 
_refine.aniso_B[1][2]                            ? 
_refine.aniso_B[1][3]                            ? 
_refine.aniso_B[2][2]                            ? 
_refine.aniso_B[2][3]                            ? 
_refine.aniso_B[3][3]                            ? 
_refine.B_iso_max                                ? 
_refine.B_iso_mean                               9.54 
_refine.B_iso_min                                ? 
_refine.correlation_coeff_Fo_to_Fc               ? 
_refine.correlation_coeff_Fo_to_Fc_free          ? 
_refine.details                                  ? 
_refine.diff_density_max                         ? 
_refine.diff_density_max_esd                     ? 
_refine.diff_density_min                         ? 
_refine.diff_density_min_esd                     ? 
_refine.diff_density_rms                         ? 
_refine.diff_density_rms_esd                     ? 
_refine.entry_id                                 9BZW 
_refine.pdbx_refine_id                           'X-RAY DIFFRACTION' 
_refine.ls_abs_structure_details                 ? 
_refine.ls_abs_structure_Flack                   ? 
_refine.ls_abs_structure_Flack_esd               ? 
_refine.ls_abs_structure_Rogers                  ? 
_refine.ls_abs_structure_Rogers_esd              ? 
_refine.ls_d_res_high                            1.33 
_refine.ls_d_res_low                             12.18 
_refine.ls_extinction_coef                       ? 
_refine.ls_extinction_coef_esd                   ? 
_refine.ls_extinction_expression                 ? 
_refine.ls_extinction_method                     ? 
_refine.ls_goodness_of_fit_all                   ? 
_refine.ls_goodness_of_fit_all_esd               ? 
_refine.ls_goodness_of_fit_obs                   ? 
_refine.ls_goodness_of_fit_obs_esd               ? 
_refine.ls_hydrogen_treatment                    ? 
_refine.ls_matrix_type                           ? 
_refine.ls_number_constraints                    ? 
_refine.ls_number_parameters                     ? 
_refine.ls_number_reflns_all                     ? 
_refine.ls_number_reflns_obs                     4141 
_refine.ls_number_reflns_R_free                  418 
_refine.ls_number_reflns_R_work                  3723 
_refine.ls_number_restraints                     ? 
_refine.ls_percent_reflns_obs                    87.47 
_refine.ls_percent_reflns_R_free                 10.09 
_refine.ls_R_factor_all                          ? 
_refine.ls_R_factor_obs                          0.1052 
_refine.ls_R_factor_R_free                       0.1343 
_refine.ls_R_factor_R_free_error                 ? 
_refine.ls_R_factor_R_free_error_details         ? 
_refine.ls_R_factor_R_work                       0.1007 
_refine.ls_R_Fsqd_factor_obs                     ? 
_refine.ls_R_I_factor_obs                        ? 
_refine.ls_redundancy_reflns_all                 ? 
_refine.ls_redundancy_reflns_obs                 ? 
_refine.ls_restrained_S_all                      ? 
_refine.ls_restrained_S_obs                      ? 
_refine.ls_shift_over_esd_max                    ? 
_refine.ls_shift_over_esd_mean                   ? 
_refine.ls_structure_factor_coef                 ? 
_refine.ls_weighting_details                     ? 
_refine.ls_weighting_scheme                      ? 
_refine.ls_wR_factor_all                         ? 
_refine.ls_wR_factor_obs                         ? 
_refine.ls_wR_factor_R_free                      ? 
_refine.ls_wR_factor_R_work                      ? 
_refine.occupancy_max                            ? 
_refine.occupancy_min                            ? 
_refine.solvent_model_details                    'FLAT BULK SOLVENT MODEL' 
_refine.solvent_model_param_bsol                 ? 
_refine.solvent_model_param_ksol                 ? 
_refine.pdbx_R_complete                          ? 
_refine.ls_R_factor_gt                           ? 
_refine.ls_goodness_of_fit_gt                    ? 
_refine.ls_goodness_of_fit_ref                   ? 
_refine.ls_shift_over_su_max                     ? 
_refine.ls_shift_over_su_max_lt                  ? 
_refine.ls_shift_over_su_mean                    ? 
_refine.ls_shift_over_su_mean_lt                 ? 
_refine.pdbx_ls_sigma_I                          ? 
_refine.pdbx_ls_sigma_F                          1.46 
_refine.pdbx_ls_sigma_Fsqd                       ? 
_refine.pdbx_data_cutoff_high_absF               ? 
_refine.pdbx_data_cutoff_high_rms_absF           ? 
_refine.pdbx_data_cutoff_low_absF                ? 
_refine.pdbx_isotropic_thermal_model             ? 
_refine.pdbx_ls_cross_valid_method               'FREE R-VALUE' 
_refine.pdbx_method_to_determine_struct          'MOLECULAR REPLACEMENT' 
_refine.pdbx_starting_model                      ? 
_refine.pdbx_stereochemistry_target_values       'GeoStd + Monomer Library + CDL v1.2' 
_refine.pdbx_R_Free_selection_details            ? 
_refine.pdbx_stereochem_target_val_spec_case     ? 
_refine.pdbx_overall_ESU_R                       ? 
_refine.pdbx_overall_ESU_R_Free                  ? 
_refine.pdbx_solvent_vdw_probe_radii             1.1000 
_refine.pdbx_solvent_ion_probe_radii             ? 
_refine.pdbx_solvent_shrinkage_radii             0.9000 
_refine.pdbx_real_space_R                        ? 
_refine.pdbx_density_correlation                 ? 
_refine.pdbx_pd_number_of_powder_patterns        ? 
_refine.pdbx_pd_number_of_points                 ? 
_refine.pdbx_pd_meas_number_of_points            ? 
_refine.pdbx_pd_proc_ls_prof_R_factor            ? 
_refine.pdbx_pd_proc_ls_prof_wR_factor           ? 
_refine.pdbx_pd_Marquardt_correlation_coeff      ? 
_refine.pdbx_pd_Fsqrd_R_factor                   ? 
_refine.pdbx_pd_ls_matrix_band_width             ? 
_refine.pdbx_overall_phase_error                 14.8426 
_refine.pdbx_overall_SU_R_free_Cruickshank_DPI   ? 
_refine.pdbx_overall_SU_R_free_Blow_DPI          ? 
_refine.pdbx_overall_SU_R_Blow_DPI               ? 
_refine.pdbx_TLS_residual_ADP_flag               ? 
_refine.pdbx_diffrn_id                           1 
_refine.overall_SU_B                             ? 
_refine.overall_SU_ML                            0.1055 
_refine.overall_SU_R_Cruickshank_DPI             ? 
_refine.overall_SU_R_free                        ? 
_refine.overall_FOM_free_R_set                   ? 
_refine.overall_FOM_work_R_set                   ? 
_refine.pdbx_average_fsc_overall                 ? 
_refine.pdbx_average_fsc_work                    ? 
_refine.pdbx_average_fsc_free                    ? 
# 
_refine_hist.pdbx_refine_id                   'X-RAY DIFFRACTION' 
_refine_hist.cycle_id                         LAST 
_refine_hist.details                          ? 
_refine_hist.d_res_high                       1.33 
_refine_hist.d_res_low                        12.18 
_refine_hist.number_atoms_solvent             0 
_refine_hist.number_atoms_total               124 
_refine_hist.number_reflns_all                ? 
_refine_hist.number_reflns_obs                ? 
_refine_hist.number_reflns_R_free             ? 
_refine_hist.number_reflns_R_work             ? 
_refine_hist.R_factor_all                     ? 
_refine_hist.R_factor_obs                     ? 
_refine_hist.R_factor_R_free                  ? 
_refine_hist.R_factor_R_work                  ? 
_refine_hist.pdbx_number_residues_total       ? 
_refine_hist.pdbx_B_iso_mean_ligand           ? 
_refine_hist.pdbx_B_iso_mean_solvent          ? 
_refine_hist.pdbx_number_atoms_protein        81 
_refine_hist.pdbx_number_atoms_nucleic_acid   0 
_refine_hist.pdbx_number_atoms_ligand         43 
_refine_hist.pdbx_number_atoms_lipid          ? 
_refine_hist.pdbx_number_atoms_carb           ? 
_refine_hist.pdbx_pseudo_atom_details         ? 
# 
loop_
_refine_ls_restr.pdbx_refine_id 
_refine_ls_restr.criterion 
_refine_ls_restr.dev_ideal 
_refine_ls_restr.dev_ideal_target 
_refine_ls_restr.number 
_refine_ls_restr.rejects 
_refine_ls_restr.type 
_refine_ls_restr.weight 
_refine_ls_restr.pdbx_restraint_function 
'X-RAY DIFFRACTION' ? 0.0095  ? 190 ? f_bond_d           ? ? 
'X-RAY DIFFRACTION' ? 1.9033  ? 260 ? f_angle_d          ? ? 
'X-RAY DIFFRACTION' ? 0.0399  ? 12  ? f_chiral_restr     ? ? 
'X-RAY DIFFRACTION' ? 0.0062  ? 30  ? f_plane_restr      ? ? 
'X-RAY DIFFRACTION' ? 39.1817 ? 29  ? f_dihedral_angle_d ? ? 
# 
loop_
_refine_ls_shell.pdbx_refine_id 
_refine_ls_shell.d_res_high 
_refine_ls_shell.d_res_low 
_refine_ls_shell.number_reflns_all 
_refine_ls_shell.number_reflns_obs 
_refine_ls_shell.number_reflns_R_free 
_refine_ls_shell.number_reflns_R_work 
_refine_ls_shell.percent_reflns_obs 
_refine_ls_shell.percent_reflns_R_free 
_refine_ls_shell.R_factor_all 
_refine_ls_shell.R_factor_obs 
_refine_ls_shell.R_factor_R_free_error 
_refine_ls_shell.R_factor_R_work 
_refine_ls_shell.redundancy_reflns_all 
_refine_ls_shell.redundancy_reflns_obs 
_refine_ls_shell.wR_factor_all 
_refine_ls_shell.wR_factor_obs 
_refine_ls_shell.wR_factor_R_free 
_refine_ls_shell.wR_factor_R_work 
_refine_ls_shell.pdbx_R_complete 
_refine_ls_shell.pdbx_total_number_of_bins_used 
_refine_ls_shell.pdbx_phase_error 
_refine_ls_shell.pdbx_fsc_work 
_refine_ls_shell.pdbx_fsc_free 
_refine_ls_shell.R_factor_R_free 
'X-RAY DIFFRACTION' 1.33 1.52  . . 105 917  64.36 . . . . 0.1153 . . . . . . . . . . . 0.2471 
'X-RAY DIFFRACTION' 1.52 1.92  . . 157 1418 99.31 . . . . 0.0964 . . . . . . . . . . . 0.1500 
'X-RAY DIFFRACTION' 1.92 12.18 . . 156 1388 98.97 . . . . 0.1018 . . . . . . . . . . . 0.1081 
# 
_struct.entry_id                     9BZW 
_struct.title                        'UIC-1 peptide soaked in p-xylene' 
_struct.pdbx_model_details           ? 
_struct.pdbx_formula_weight          ? 
_struct.pdbx_formula_weight_method   ? 
_struct.pdbx_model_type_details      ? 
_struct.pdbx_CASP_flag               N 
# 
_struct_keywords.entry_id        9BZW 
_struct_keywords.text            'synthetic construct, DE NOVO PROTEIN' 
_struct_keywords.pdbx_keywords   'DE NOVO PROTEIN' 
# 
loop_
_struct_asym.id 
_struct_asym.pdbx_blank_PDB_chainid_flag 
_struct_asym.pdbx_modified 
_struct_asym.entity_id 
_struct_asym.details 
A N N 1 ? 
B N N 2 ? 
C N N 3 ? 
D N N 4 ? 
E N N 4 ? 
F N N 4 ? 
# 
_struct_ref.id                         1 
_struct_ref.db_name                    PDB 
_struct_ref.db_code                    9BZW 
_struct_ref.pdbx_db_accession          9BZW 
_struct_ref.pdbx_db_isoform            ? 
_struct_ref.entity_id                  1 
_struct_ref.pdbx_seq_one_letter_code   ? 
_struct_ref.pdbx_align_begin           1 
# 
_struct_ref_seq.align_id                      1 
_struct_ref_seq.ref_id                        1 
_struct_ref_seq.pdbx_PDB_id_code              9BZW 
_struct_ref_seq.pdbx_strand_id                A 
_struct_ref_seq.seq_align_beg                 1 
_struct_ref_seq.pdbx_seq_align_beg_ins_code   ? 
_struct_ref_seq.seq_align_end                 9 
_struct_ref_seq.pdbx_seq_align_end_ins_code   ? 
_struct_ref_seq.pdbx_db_accession             9BZW 
_struct_ref_seq.db_align_beg                  2 
_struct_ref_seq.pdbx_db_align_beg_ins_code    ? 
_struct_ref_seq.db_align_end                  10 
_struct_ref_seq.pdbx_db_align_end_ins_code    ? 
_struct_ref_seq.pdbx_auth_seq_align_beg       2 
_struct_ref_seq.pdbx_auth_seq_align_end       10 
# 
_pdbx_struct_assembly.id                   1 
_pdbx_struct_assembly.details              author_and_software_defined_assembly 
_pdbx_struct_assembly.method_details       PISA 
_pdbx_struct_assembly.oligomeric_details   monomeric 
_pdbx_struct_assembly.oligomeric_count     1 
# 
_pdbx_struct_assembly_gen.assembly_id       1 
_pdbx_struct_assembly_gen.oper_expression   1 
_pdbx_struct_assembly_gen.asym_id_list      A,B,C,D,E,F 
# 
_pdbx_struct_assembly_auth_evidence.id                     1 
_pdbx_struct_assembly_auth_evidence.assembly_id            1 
_pdbx_struct_assembly_auth_evidence.experimental_support   none 
_pdbx_struct_assembly_auth_evidence.details                ? 
# 
_pdbx_struct_oper_list.id                   1 
_pdbx_struct_oper_list.type                 'identity operation' 
_pdbx_struct_oper_list.name                 1_555 
_pdbx_struct_oper_list.symmetry_operation   x,y,z 
_pdbx_struct_oper_list.matrix[1][1]         1.0000000000 
_pdbx_struct_oper_list.matrix[1][2]         0.0000000000 
_pdbx_struct_oper_list.matrix[1][3]         0.0000000000 
_pdbx_struct_oper_list.vector[1]            0.0000000000 
_pdbx_struct_oper_list.matrix[2][1]         0.0000000000 
_pdbx_struct_oper_list.matrix[2][2]         1.0000000000 
_pdbx_struct_oper_list.matrix[2][3]         0.0000000000 
_pdbx_struct_oper_list.vector[2]            0.0000000000 
_pdbx_struct_oper_list.matrix[3][1]         0.0000000000 
_pdbx_struct_oper_list.matrix[3][2]         0.0000000000 
_pdbx_struct_oper_list.matrix[3][3]         1.0000000000 
_pdbx_struct_oper_list.vector[3]            0.0000000000 
# 
_struct_conf.conf_type_id            HELX_P 
_struct_conf.id                      HELX_P1 
_struct_conf.pdbx_PDB_helix_id       AA1 
_struct_conf.beg_label_comp_id       LEU 
_struct_conf.beg_label_asym_id       A 
_struct_conf.beg_label_seq_id        1 
_struct_conf.pdbx_beg_PDB_ins_code   ? 
_struct_conf.end_label_comp_id       GLN 
_struct_conf.end_label_asym_id       A 
_struct_conf.end_label_seq_id        7 
_struct_conf.pdbx_end_PDB_ins_code   ? 
_struct_conf.beg_auth_comp_id        LEU 
_struct_conf.beg_auth_asym_id        A 
_struct_conf.beg_auth_seq_id         2 
_struct_conf.end_auth_comp_id        GLN 
_struct_conf.end_auth_asym_id        A 
_struct_conf.end_auth_seq_id         8 
_struct_conf.pdbx_PDB_helix_class    1 
_struct_conf.details                 ? 
_struct_conf.pdbx_PDB_helix_length   7 
# 
_struct_conf_type.id          HELX_P 
_struct_conf_type.criteria    ? 
_struct_conf_type.reference   ? 
# 
loop_
_struct_conn.id 
_struct_conn.conn_type_id 
_struct_conn.pdbx_leaving_atom_flag 
_struct_conn.pdbx_PDB_id 
_struct_conn.ptnr1_label_asym_id 
_struct_conn.ptnr1_label_comp_id 
_struct_conn.ptnr1_label_seq_id 
_struct_conn.ptnr1_label_atom_id 
_struct_conn.pdbx_ptnr1_label_alt_id 
_struct_conn.pdbx_ptnr1_PDB_ins_code 
_struct_conn.pdbx_ptnr1_standard_comp_id 
_struct_conn.ptnr1_symmetry 
_struct_conn.ptnr2_label_asym_id 
_struct_conn.ptnr2_label_comp_id 
_struct_conn.ptnr2_label_seq_id 
_struct_conn.ptnr2_label_atom_id 
_struct_conn.pdbx_ptnr2_label_alt_id 
_struct_conn.pdbx_ptnr2_PDB_ins_code 
_struct_conn.ptnr1_auth_asym_id 
_struct_conn.ptnr1_auth_comp_id 
_struct_conn.ptnr1_auth_seq_id 
_struct_conn.ptnr2_auth_asym_id 
_struct_conn.ptnr2_auth_comp_id 
_struct_conn.ptnr2_auth_seq_id 
_struct_conn.ptnr2_symmetry 
_struct_conn.pdbx_ptnr3_label_atom_id 
_struct_conn.pdbx_ptnr3_label_seq_id 
_struct_conn.pdbx_ptnr3_label_comp_id 
_struct_conn.pdbx_ptnr3_label_asym_id 
_struct_conn.pdbx_ptnr3_label_alt_id 
_struct_conn.pdbx_ptnr3_PDB_ins_code 
_struct_conn.details 
_struct_conn.pdbx_dist_value 
_struct_conn.pdbx_value_order 
_struct_conn.pdbx_role 
covale1  covale both ? A LEU 1 C ? ? ? 1_555 A AIB 2 N   ? ? A LEU 2  A AIB 3   1_555 ? ? ? ? ? ? ? 1.331 ? ? 
covale2  covale both ? A LEU 1 N ? ? ? 1_555 C I6W . C02 A ? A LEU 2  A I6W 102 1_555 ? ? ? ? ? ? ? 1.425 ? ? 
covale3  covale both ? A LEU 1 N ? ? ? 1_555 C I6W . C02 B ? A LEU 2  A I6W 102 1_555 ? ? ? ? ? ? ? 1.424 ? ? 
covale4  covale both ? A AIB 2 C ? ? ? 1_555 A ALA 3 N   ? ? A AIB 3  A ALA 4   1_555 ? ? ? ? ? ? ? 1.336 ? ? 
covale5  covale both ? A ALA 3 C ? ? ? 1_555 A AIB 4 N   ? ? A ALA 4  A AIB 5   1_555 ? ? ? ? ? ? ? 1.322 ? ? 
covale6  covale both ? A AIB 4 C ? ? ? 1_555 A LEU 5 N   A ? A AIB 5  A LEU 6   1_555 ? ? ? ? ? ? ? 1.326 ? ? 
covale7  covale both ? A AIB 4 C ? ? ? 1_555 A LEU 5 N   B ? A AIB 5  A LEU 6   1_555 ? ? ? ? ? ? ? 1.327 ? ? 
covale8  covale both ? A LEU 5 C A ? ? 1_555 A AIB 6 N   ? ? A LEU 6  A AIB 7   1_555 ? ? ? ? ? ? ? 1.335 ? ? 
covale9  covale both ? A LEU 5 C B ? ? 1_555 A AIB 6 N   ? ? A LEU 6  A AIB 7   1_555 ? ? ? ? ? ? ? 1.332 ? ? 
covale10 covale both ? A AIB 6 C ? ? ? 1_555 A GLN 7 N   ? ? A AIB 7  A GLN 8   1_555 ? ? ? ? ? ? ? 1.321 ? ? 
covale11 covale both ? A GLN 7 C ? ? ? 1_555 A AIB 8 N   ? ? A GLN 8  A AIB 9   1_555 ? ? ? ? ? ? ? 1.330 ? ? 
covale12 covale both ? A AIB 8 C ? ? ? 1_555 A LEU 9 N   A ? A AIB 9  A LEU 10  1_555 ? ? ? ? ? ? ? 1.335 ? ? 
covale13 covale both ? A AIB 8 C ? ? ? 1_555 A LEU 9 N   B ? A AIB 9  A LEU 10  1_555 ? ? ? ? ? ? ? 1.336 ? ? 
covale14 covale both ? A LEU 9 C A ? ? 1_555 B I77 . N15 A ? A LEU 10 A I77 101 1_555 ? ? ? ? ? ? ? 1.423 ? ? 
covale15 covale both ? A LEU 9 C B ? ? 1_555 B I77 . N15 B ? A LEU 10 A I77 101 1_555 ? ? ? ? ? ? ? 1.420 ? ? 
# 
_struct_conn_type.id          covale 
_struct_conn_type.criteria    ? 
_struct_conn_type.reference   ? 
# 
loop_
_pdbx_modification_feature.ordinal 
_pdbx_modification_feature.label_comp_id 
_pdbx_modification_feature.label_asym_id 
_pdbx_modification_feature.label_seq_id 
_pdbx_modification_feature.label_alt_id 
_pdbx_modification_feature.modified_residue_label_comp_id 
_pdbx_modification_feature.modified_residue_label_asym_id 
_pdbx_modification_feature.modified_residue_label_seq_id 
_pdbx_modification_feature.modified_residue_label_alt_id 
_pdbx_modification_feature.auth_comp_id 
_pdbx_modification_feature.auth_asym_id 
_pdbx_modification_feature.auth_seq_id 
_pdbx_modification_feature.PDB_ins_code 
_pdbx_modification_feature.symmetry 
_pdbx_modification_feature.modified_residue_auth_comp_id 
_pdbx_modification_feature.modified_residue_auth_asym_id 
_pdbx_modification_feature.modified_residue_auth_seq_id 
_pdbx_modification_feature.modified_residue_PDB_ins_code 
_pdbx_modification_feature.modified_residue_symmetry 
_pdbx_modification_feature.comp_id_linking_atom 
_pdbx_modification_feature.modified_residue_id_linking_atom 
_pdbx_modification_feature.modified_residue_id 
_pdbx_modification_feature.ref_pcm_id 
_pdbx_modification_feature.ref_comp_id 
_pdbx_modification_feature.type 
_pdbx_modification_feature.category 
1 AIB A 2 ? .   . . . AIB A 3   ? 1_555 .   . .  . .     .   . ALA 1 AIB Methylation 'Named protein modification'     
2 AIB A 4 ? .   . . . AIB A 5   ? 1_555 .   . .  . .     .   . ALA 1 AIB Methylation 'Named protein modification'     
3 AIB A 6 ? .   . . . AIB A 7   ? 1_555 .   . .  . .     .   . ALA 1 AIB Methylation 'Named protein modification'     
4 AIB A 8 ? .   . . . AIB A 9   ? 1_555 .   . .  . .     .   . ALA 1 AIB Methylation 'Named protein modification'     
5 I77 B . A LEU A 9 A I77 A 101 ? 1_555 LEU A 10 ? 1_555 N15 C LEU 1 I77 None        'Covalent chemical modification' 
6 I77 B . B LEU A 9 B I77 A 101 ? 1_555 LEU A 10 ? 1_555 N15 C LEU 1 I77 None        'Covalent chemical modification' 
7 I6W C . A LEU A 1 ? I6W A 102 ? 1_555 LEU A 2  ? 1_555 C02 N LEU 1 I6W None        'Covalent chemical modification' 
8 I6W C . B LEU A 1 ? I6W A 102 ? 1_555 LEU A 2  ? 1_555 C02 N LEU 1 I6W None        'Covalent chemical modification' 
# 
_pdbx_entry_details.entry_id                   9BZW 
_pdbx_entry_details.nonpolymer_details         ? 
_pdbx_entry_details.sequence_details           ? 
_pdbx_entry_details.compound_details           ? 
_pdbx_entry_details.source_details             ? 
_pdbx_entry_details.has_ligand_of_interest     Y 
_pdbx_entry_details.has_protein_modification   Y 
# 
loop_
_space_group_symop.id 
_space_group_symop.operation_xyz 
1 x,y,z       
2 -x,y+1/2,-z 
# 
loop_
_chem_comp_atom.comp_id 
_chem_comp_atom.atom_id 
_chem_comp_atom.type_symbol 
_chem_comp_atom.pdbx_aromatic_flag 
_chem_comp_atom.pdbx_stereo_config 
_chem_comp_atom.pdbx_ordinal 
AIB N      N N N 1   
AIB CA     C N N 2   
AIB C      C N N 3   
AIB O      O N N 4   
AIB OXT    O N N 5   
AIB CB1    C N N 6   
AIB CB2    C N N 7   
AIB H      H N N 8   
AIB H2     H N N 9   
AIB HXT    H N N 10  
AIB HB11   H N N 11  
AIB HB12   H N N 12  
AIB HB13   H N N 13  
AIB HB21   H N N 14  
AIB HB22   H N N 15  
AIB HB23   H N N 16  
ALA N      N N N 17  
ALA CA     C N S 18  
ALA C      C N N 19  
ALA O      O N N 20  
ALA CB     C N N 21  
ALA OXT    O N N 22  
ALA H      H N N 23  
ALA H2     H N N 24  
ALA HA     H N N 25  
ALA HB1    H N N 26  
ALA HB2    H N N 27  
ALA HB3    H N N 28  
ALA HXT    H N N 29  
GLN N      N N N 30  
GLN CA     C N S 31  
GLN C      C N N 32  
GLN O      O N N 33  
GLN CB     C N N 34  
GLN CG     C N N 35  
GLN CD     C N N 36  
GLN OE1    O N N 37  
GLN NE2    N N N 38  
GLN OXT    O N N 39  
GLN H      H N N 40  
GLN H2     H N N 41  
GLN HA     H N N 42  
GLN HB2    H N N 43  
GLN HB3    H N N 44  
GLN HG2    H N N 45  
GLN HG3    H N N 46  
GLN HE21   H N N 47  
GLN HE22   H N N 48  
GLN HXT    H N N 49  
I6W C05    C Y N 50  
I6W C08    C Y N 51  
I6W C09    C Y N 52  
I6W N10    N Y N 53  
I6W C02    C N N 54  
I6W C03    C Y N 55  
I6W C04    C Y N 56  
I6W C06    C Y N 57  
I6W C11    C Y N 58  
I6W C12    C Y N 59  
I6W C13    C N N 60  
I6W C15    C N N 61  
I6W C16    C N N 62  
I6W C18    C Y N 63  
I6W C19    C Y N 64  
I6W N07    N Y N 65  
I6W O01    O N N 66  
I6W O14    O N N 67  
I6W O17    O N N 68  
I6W H051   H N N 69  
I6W H041   H N N 70  
I6W H061   H N N 71  
I6W H111   H N N 72  
I6W H152   H N N 73  
I6W H151   H N N 74  
I6W H162   H N N 75  
I6W H163   H N N 76  
I6W H161   H N N 77  
I6W H181   H N N 78  
I6W H191   H N N 79  
I6W OXT    O N N 80  
I6W HXT    H N N 81  
I77 C11    C Y N 82  
I77 C12    C Y N 83  
I77 C13    C N N 84  
I77 C17    C Y N 85  
I77 C18    C Y N 86  
I77 C02    C N N 87  
I77 C03    C Y N 88  
I77 C04    C Y N 89  
I77 C05    C Y N 90  
I77 C06    C Y N 91  
I77 C08    C Y N 92  
I77 C09    C Y N 93  
I77 N01    N N N 94  
I77 N07    N Y N 95  
I77 N10    N Y N 96  
I77 N14    N N N 97  
I77 N15    N N N 98  
I77 O16    O N N 99  
I77 O19    O N N 100 
I77 H111   H N N 101 
I77 H171   H N N 102 
I77 H181   H N N 103 
I77 H041   H N N 104 
I77 H051   H N N 105 
I77 H061   H N N 106 
I77 H011   H N N 107 
I77 H012   H N N 108 
I77 H141   H N N 109 
I77 H1     H N N 110 
I77 H2     H N N 111 
LEU N      N N N 112 
LEU CA     C N S 113 
LEU C      C N N 114 
LEU O      O N N 115 
LEU CB     C N N 116 
LEU CG     C N N 117 
LEU CD1    C N N 118 
LEU CD2    C N N 119 
LEU OXT    O N N 120 
LEU H      H N N 121 
LEU H2     H N N 122 
LEU HA     H N N 123 
LEU HB2    H N N 124 
LEU HB3    H N N 125 
LEU HG     H N N 126 
LEU HD11   H N N 127 
LEU HD12   H N N 128 
LEU HD13   H N N 129 
LEU HD21   H N N 130 
LEU HD22   H N N 131 
LEU HD23   H N N 132 
LEU HXT    H N N 133 
PXY C1     C Y N 134 
PXY C2     C Y N 135 
PXY C3     C Y N 136 
PXY C4     C Y N 137 
PXY C5     C Y N 138 
PXY C6     C Y N 139 
PXY "C1'"  C N N 140 
PXY "C4'"  C N N 141 
PXY H2     H N N 142 
PXY H3     H N N 143 
PXY H5     H N N 144 
PXY H6     H N N 145 
PXY "H1'1" H N N 146 
PXY "H1'2" H N N 147 
PXY "H1'3" H N N 148 
PXY "H4'1" H N N 149 
PXY "H4'2" H N N 150 
PXY "H4'3" H N N 151 
# 
loop_
_chem_comp_bond.comp_id 
_chem_comp_bond.atom_id_1 
_chem_comp_bond.atom_id_2 
_chem_comp_bond.value_order 
_chem_comp_bond.pdbx_aromatic_flag 
_chem_comp_bond.pdbx_stereo_config 
_chem_comp_bond.pdbx_ordinal 
AIB N     CA     sing N N 1   
AIB N     H      sing N N 2   
AIB N     H2     sing N N 3   
AIB CA    C      sing N N 4   
AIB CA    CB1    sing N N 5   
AIB CA    CB2    sing N N 6   
AIB C     O      doub N N 7   
AIB C     OXT    sing N N 8   
AIB OXT   HXT    sing N N 9   
AIB CB1   HB11   sing N N 10  
AIB CB1   HB12   sing N N 11  
AIB CB1   HB13   sing N N 12  
AIB CB2   HB21   sing N N 13  
AIB CB2   HB22   sing N N 14  
AIB CB2   HB23   sing N N 15  
ALA N     CA     sing N N 16  
ALA N     H      sing N N 17  
ALA N     H2     sing N N 18  
ALA CA    C      sing N N 19  
ALA CA    CB     sing N N 20  
ALA CA    HA     sing N N 21  
ALA C     O      doub N N 22  
ALA C     OXT    sing N N 23  
ALA CB    HB1    sing N N 24  
ALA CB    HB2    sing N N 25  
ALA CB    HB3    sing N N 26  
ALA OXT   HXT    sing N N 27  
GLN N     CA     sing N N 28  
GLN N     H      sing N N 29  
GLN N     H2     sing N N 30  
GLN CA    C      sing N N 31  
GLN CA    CB     sing N N 32  
GLN CA    HA     sing N N 33  
GLN C     O      doub N N 34  
GLN C     OXT    sing N N 35  
GLN CB    CG     sing N N 36  
GLN CB    HB2    sing N N 37  
GLN CB    HB3    sing N N 38  
GLN CG    CD     sing N N 39  
GLN CG    HG2    sing N N 40  
GLN CG    HG3    sing N N 41  
GLN CD    OE1    doub N N 42  
GLN CD    NE2    sing N N 43  
GLN NE2   HE21   sing N N 44  
GLN NE2   HE22   sing N N 45  
GLN OXT   HXT    sing N N 46  
I6W O01   C02    doub N N 47  
I6W C02   C03    sing N N 48  
I6W C03   C06    doub Y N 49  
I6W C03   C04    sing Y N 50  
I6W C06   N07    sing Y N 51  
I6W C04   C05    doub Y N 52  
I6W N07   C08    doub Y N 53  
I6W C05   C08    sing Y N 54  
I6W C08   C09    sing N N 55  
I6W C09   C19    doub Y N 56  
I6W C09   N10    sing Y N 57  
I6W C19   C18    sing Y N 58  
I6W N10   C11    doub Y N 59  
I6W C18   C12    doub Y N 60  
I6W C11   C12    sing Y N 61  
I6W C12   C13    sing N N 62  
I6W C13   O17    doub N N 63  
I6W C13   O14    sing N N 64  
I6W O14   C15    sing N N 65  
I6W C15   C16    sing N N 66  
I6W C05   H051   sing N N 67  
I6W C04   H041   sing N N 68  
I6W C06   H061   sing N N 69  
I6W C11   H111   sing N N 70  
I6W C15   H152   sing N N 71  
I6W C15   H151   sing N N 72  
I6W C16   H162   sing N N 73  
I6W C16   H163   sing N N 74  
I6W C16   H161   sing N N 75  
I6W C18   H181   sing N N 76  
I6W C19   H191   sing N N 77  
I6W C02   OXT    sing N N 78  
I6W OXT   HXT    sing N N 79  
I77 N15   N14    sing N N 80  
I77 O16   C13    doub N N 81  
I77 N14   C13    sing N N 82  
I77 C13   C12    sing N N 83  
I77 C12   C17    doub Y N 84  
I77 C12   C11    sing Y N 85  
I77 C17   C18    sing Y N 86  
I77 C11   N10    doub Y N 87  
I77 C18   C09    doub Y N 88  
I77 N10   C09    sing Y N 89  
I77 C09   C08    sing N N 90  
I77 C08   N07    doub Y N 91  
I77 C08   C05    sing Y N 92  
I77 N07   C06    sing Y N 93  
I77 C05   C04    doub Y N 94  
I77 C06   C03    doub Y N 95  
I77 C04   C03    sing Y N 96  
I77 C03   C02    sing N N 97  
I77 C02   N01    sing N N 98  
I77 C02   O19    doub N N 99  
I77 C11   H111   sing N N 100 
I77 C17   H171   sing N N 101 
I77 C18   H181   sing N N 102 
I77 C04   H041   sing N N 103 
I77 C05   H051   sing N N 104 
I77 C06   H061   sing N N 105 
I77 N01   H011   sing N N 106 
I77 N01   H012   sing N N 107 
I77 N14   H141   sing N N 108 
I77 N15   H1     sing N N 109 
I77 N15   H2     sing N N 110 
LEU N     CA     sing N N 111 
LEU N     H      sing N N 112 
LEU N     H2     sing N N 113 
LEU CA    C      sing N N 114 
LEU CA    CB     sing N N 115 
LEU CA    HA     sing N N 116 
LEU C     O      doub N N 117 
LEU C     OXT    sing N N 118 
LEU CB    CG     sing N N 119 
LEU CB    HB2    sing N N 120 
LEU CB    HB3    sing N N 121 
LEU CG    CD1    sing N N 122 
LEU CG    CD2    sing N N 123 
LEU CG    HG     sing N N 124 
LEU CD1   HD11   sing N N 125 
LEU CD1   HD12   sing N N 126 
LEU CD1   HD13   sing N N 127 
LEU CD2   HD21   sing N N 128 
LEU CD2   HD22   sing N N 129 
LEU CD2   HD23   sing N N 130 
LEU OXT   HXT    sing N N 131 
PXY C1    C2     doub Y N 132 
PXY C1    C6     sing Y N 133 
PXY C1    "C1'"  sing N N 134 
PXY C2    C3     sing Y N 135 
PXY C2    H2     sing N N 136 
PXY C3    C4     doub Y N 137 
PXY C3    H3     sing N N 138 
PXY C4    C5     sing Y N 139 
PXY C4    "C4'"  sing N N 140 
PXY C5    C6     doub Y N 141 
PXY C5    H5     sing N N 142 
PXY C6    H6     sing N N 143 
PXY "C1'" "H1'1" sing N N 144 
PXY "C1'" "H1'2" sing N N 145 
PXY "C1'" "H1'3" sing N N 146 
PXY "C4'" "H4'1" sing N N 147 
PXY "C4'" "H4'2" sing N N 148 
PXY "C4'" "H4'3" sing N N 149 
# 
_pdbx_audit_support.funding_organization   'Department of Energy (DOE, United States)' 
_pdbx_audit_support.country                'United States' 
_pdbx_audit_support.grant_number           DE-AC02-06CH11357 
_pdbx_audit_support.ordinal                1 
# 
_pdbx_initial_refinement_model.id               1 
_pdbx_initial_refinement_model.entity_id_list   ? 
_pdbx_initial_refinement_model.type             'experimental model' 
_pdbx_initial_refinement_model.source_name      PDB 
_pdbx_initial_refinement_model.accession_code   7TLS 
_pdbx_initial_refinement_model.details          ? 
# 
_space_group.name_H-M_alt     'P 1 21 1' 
_space_group.name_Hall        'P 2yb' 
_space_group.IT_number        4 
_space_group.crystal_system   monoclinic 
_space_group.id               1 
# 
_atom_sites.entry_id                    9BZW 
_atom_sites.Cartn_transf_matrix[1][1]   ? 
_atom_sites.Cartn_transf_matrix[1][2]   ? 
_atom_sites.Cartn_transf_matrix[1][3]   ? 
_atom_sites.Cartn_transf_matrix[2][1]   ? 
_atom_sites.Cartn_transf_matrix[2][2]   ? 
_atom_sites.Cartn_transf_matrix[2][3]   ? 
_atom_sites.Cartn_transf_matrix[3][1]   ? 
_atom_sites.Cartn_transf_matrix[3][2]   ? 
_atom_sites.Cartn_transf_matrix[3][3]   ? 
_atom_sites.Cartn_transf_vector[1]      ? 
_atom_sites.Cartn_transf_vector[2]      ? 
_atom_sites.Cartn_transf_vector[3]      ? 
_atom_sites.Cartn_transform_axes        ? 
_atom_sites.fract_transf_matrix[1][1]   -0.02245636 
_atom_sites.fract_transf_matrix[1][2]   0.01960335 
_atom_sites.fract_transf_matrix[1][3]   -0.06648591 
_atom_sites.fract_transf_matrix[2][1]   0.07025285 
_atom_sites.fract_transf_matrix[2][2]   0.00102373 
_atom_sites.fract_transf_matrix[2][3]   -0.02342684 
_atom_sites.fract_transf_matrix[3][1]   -0.00456414 
_atom_sites.fract_transf_matrix[3][2]   -0.03169644 
_atom_sites.fract_transf_matrix[3][3]   -0.01507212 
_atom_sites.fract_transf_vector[1]      -0.431566 
_atom_sites.fract_transf_vector[2]      -0.161165 
_atom_sites.fract_transf_vector[3]      -0.173336 
_atom_sites.solution_primary            ? 
_atom_sites.solution_secondary          ? 
_atom_sites.solution_hydrogens          ? 
_atom_sites.special_details             ? 
# 
loop_
_atom_type.symbol 
_atom_type.scat_dispersion_real 
_atom_type.scat_dispersion_imag 
_atom_type.scat_Cromer_Mann_a1 
_atom_type.scat_Cromer_Mann_a2 
_atom_type.scat_Cromer_Mann_a3 
_atom_type.scat_Cromer_Mann_a4 
_atom_type.scat_Cromer_Mann_b1 
_atom_type.scat_Cromer_Mann_b2 
_atom_type.scat_Cromer_Mann_b3 
_atom_type.scat_Cromer_Mann_b4 
_atom_type.scat_Cromer_Mann_c 
_atom_type.scat_source 
_atom_type.scat_dispersion_source 
C ? ? 3.54356 2.42580 ? ? 25.62398 1.50364 ? ? 0.0 
;2-Gaussian fit: Grosse-Kunstleve RW, Sauter NK, Adams PD: Newsletter of the IUCr Commission on Crystallographic Computing 2004, 3, 22-31.
;
? 
H ? ? 0.51345 0.48472 ? ? 24.73122 6.32584 ? ? 0.0 
;2-Gaussian fit: Grosse-Kunstleve RW, Sauter NK, Adams PD: Newsletter of the IUCr Commission on Crystallographic Computing 2004, 3, 22-31.
;
? 
N ? ? 4.01032 2.96436 ? ? 19.97189 1.75589 ? ? 0.0 
;2-Gaussian fit: Grosse-Kunstleve RW, Sauter NK, Adams PD: Newsletter of the IUCr Commission on Crystallographic Computing 2004, 3, 22-31.
;
? 
O ? ? 4.49882 3.47563 ? ? 15.80542 1.70748 ? ? 0.0 
;2-Gaussian fit: Grosse-Kunstleve RW, Sauter NK, Adams PD: Newsletter of the IUCr Commission on Crystallographic Computing 2004, 3, 22-31.
;
? 
# 
loop_
_atom_site.group_PDB 
_atom_site.id 
_atom_site.type_symbol 
_atom_site.label_atom_id 
_atom_site.label_alt_id 
_atom_site.label_comp_id 
_atom_site.label_asym_id 
_atom_site.label_entity_id 
_atom_site.label_seq_id 
_atom_site.pdbx_PDB_ins_code 
_atom_site.Cartn_x 
_atom_site.Cartn_y 
_atom_site.Cartn_z 
_atom_site.occupancy 
_atom_site.B_iso_or_equiv 
_atom_site.pdbx_formal_charge 
_atom_site.auth_seq_id 
_atom_site.auth_comp_id 
_atom_site.auth_asym_id 
_atom_site.auth_atom_id 
_atom_site.pdbx_PDB_model_num 
ATOM   1   N N      . LEU A 1 1 ? -6.52737  4.39438  -2.43010 1.000 6.42497  ? 2   LEU A N      1 
ATOM   2   C CA     . LEU A 1 1 ? -6.44099  2.97122  -2.66428 1.000 5.94306  ? 2   LEU A CA     1 
ATOM   3   C C      . LEU A 1 1 ? -4.98078  2.54658  -2.81149 1.000 6.20289  ? 2   LEU A C      1 
ATOM   4   O O      . LEU A 1 1 ? -4.56236  1.57616  -2.20396 1.000 5.59081  ? 2   LEU A O      1 
ATOM   5   C CB     . LEU A 1 1 ? -7.26889  2.59493  -3.88177 1.000 7.97844  ? 2   LEU A CB     1 
ATOM   6   C CG     . LEU A 1 1 ? -7.17272  1.16496  -4.36905 1.000 10.51249 ? 2   LEU A CG     1 
ATOM   7   C CD1    . LEU A 1 1 ? -7.60856  0.15986  -3.33029 1.000 11.99108 ? 2   LEU A CD1    1 
ATOM   8   C CD2    . LEU A 1 1 ? -8.04622  1.04219  -5.59183 1.000 12.66210 ? 2   LEU A CD2    1 
ATOM   9   H H1     . LEU A 1 1 ? -7.18184  4.77138  -2.83918 1.000 7.69750  ? 2   LEU A H1     1 
ATOM   10  H HA     . LEU A 1 1 ? -6.80621  2.47912  -1.91239 1.000 7.11921  ? 2   LEU A HA     1 
ATOM   11  H HB2    . LEU A 1 1 ? -8.20121  2.75851  -3.66986 1.000 9.56167  ? 2   LEU A HB2    1 
ATOM   12  H HB3    . LEU A 1 1 ? -6.99132  3.16282  -4.61754 1.000 9.56167  ? 2   LEU A HB3    1 
ATOM   13  H HG     . LEU A 1 1 ? -6.24634  0.95918  -4.57001 1.000 12.60253 ? 2   LEU A HG     1 
ATOM   14  H HD11   . LEU A 1 1 ? -7.11998  0.32308  -2.50838 1.000 14.37684 ? 2   LEU A HD11   1 
ATOM   15  H HD12   . LEU A 1 1 ? -8.56076  0.25950  -3.17442 1.000 14.37684 ? 2   LEU A HD12   1 
ATOM   16  H HD13   . LEU A 1 1 ? -7.41846  -0.73376 -3.65620 1.000 14.37684 ? 2   LEU A HD13   1 
ATOM   17  H HD21   . LEU A 1 1 ? -8.97077  1.18417  -5.33502 1.000 15.18206 ? 2   LEU A HD21   1 
ATOM   18  H HD22   . LEU A 1 1 ? -7.77676  1.71083  -6.24085 1.000 15.18206 ? 2   LEU A HD22   1 
ATOM   19  H HD23   . LEU A 1 1 ? -7.94000  0.15442  -5.96797 1.000 15.18206 ? 2   LEU A HD23   1 
HETATM 20  N N      . AIB A 1 2 ? -4.20711  3.27249  -3.61580 1.000 4.63077  ? 3   AIB A N      1 
HETATM 21  C CA     . AIB A 1 2 ? -2.83146  2.90501  -3.83283 1.000 5.52848  ? 3   AIB A CA     1 
HETATM 22  C C      . AIB A 1 2 ? -2.06351  2.80895  -2.49878 1.000 5.03538  ? 3   AIB A C      1 
HETATM 23  O O      . AIB A 1 2 ? -1.35255  1.85985  -2.21785 1.000 6.04259  ? 3   AIB A O      1 
HETATM 24  C CB1    . AIB A 1 2 ? -2.70974  1.56847  -4.58156 1.000 7.34020  ? 3   AIB A CB1    1 
HETATM 25  C CB2    . AIB A 1 2 ? -2.13598  3.99008  -4.67479 1.000 6.68903  ? 3   AIB A CB2    1 
HETATM 26  H H      . AIB A 1 2 ? -4.36215  4.23545  -3.84091 1.000 5.54447  ? 3   AIB A H      1 
HETATM 27  H HB11   . AIB A 1 2 ? -3.13646  0.74737  -3.95775 1.000 8.79579  ? 3   AIB A HB11   1 
HETATM 28  H HB12   . AIB A 1 2 ? -3.26794  1.62528  -5.54626 1.000 8.79579  ? 3   AIB A HB12   1 
HETATM 29  H HB13   . AIB A 1 2 ? -1.63536  1.35075  -4.79081 1.000 8.79579  ? 3   AIB A HB13   1 
HETATM 30  H HB21   . AIB A 1 2 ? -1.11937  3.63020  -4.96577 1.000 8.01437  ? 3   AIB A HB21   1 
HETATM 31  H HB22   . AIB A 1 2 ? -2.74518  4.18800  -5.58988 1.000 8.01437  ? 3   AIB A HB22   1 
HETATM 32  H HB23   . AIB A 1 2 ? -2.04904  4.92334  -4.06718 1.000 8.01437  ? 3   AIB A HB23   1 
ATOM   33  N N      . ALA A 1 3 ? -2.26014  3.81131  -1.63827 1.000 4.94105  ? 4   ALA A N      1 
ATOM   34  C CA     . ALA A 1 3 ? -1.62247  3.82590  -0.31625 1.000 5.72925  ? 4   ALA A CA     1 
ATOM   35  C C      . ALA A 1 3 ? -2.01121  2.62760  0.54510  1.000 5.94720  ? 4   ALA A C      1 
ATOM   36  O O      . ALA A 1 3 ? -1.18937  2.06727  1.27103  1.000 6.52570  ? 4   ALA A O      1 
ATOM   37  C CB     . ALA A 1 3 ? -1.96248  5.09044  0.40619  1.000 8.26496  ? 4   ALA A CB     1 
ATOM   38  H H      . ALA A 1 3 ? -2.75795  4.49481  -1.79512 1.000 5.91680  ? 4   ALA A H      1 
ATOM   39  H HA     . ALA A 1 3 ? -0.66380  3.77988  -0.45669 1.000 6.86265  ? 4   ALA A HA     1 
ATOM   40  H HB1    . ALA A 1 3 ? -1.54809  5.07439  1.28307  1.000 9.90550  ? 4   ALA A HB1    1 
ATOM   41  H HB2    . ALA A 1 3 ? -1.62854  5.84502  -0.10371 1.000 9.90550  ? 4   ALA A HB2    1 
ATOM   42  H HB3    . ALA A 1 3 ? -2.92620  5.15300  0.49687  1.000 9.90550  ? 4   ALA A HB3    1 
HETATM 43  N N      . AIB A 1 4 ? -3.27645  2.25102  0.47907  1.000 5.21936  ? 5   AIB A N      1 
HETATM 44  C CA     . AIB A 1 4 ? -3.78882  1.14030  1.24071  1.000 5.84681  ? 5   AIB A CA     1 
HETATM 45  C C      . AIB A 1 4 ? -3.02097  -0.15315 0.96266  1.000 5.81776  ? 5   AIB A C      1 
HETATM 46  O O      . AIB A 1 4 ? -2.79893  -0.99657 1.82591  1.000 6.31987  ? 5   AIB A O      1 
HETATM 47  C CB1    . AIB A 1 4 ? -3.75212  1.41608  2.74172  1.000 6.82481  ? 5   AIB A CB1    1 
HETATM 48  C CB2    . AIB A 1 4 ? -5.24764  0.88560  0.85996  1.000 5.59224  ? 5   AIB A CB2    1 
HETATM 49  H H      . AIB A 1 4 ? -3.87697  2.43606  -0.30012 1.000 6.25077  ? 5   AIB A H      1 
HETATM 50  H HB11   . AIB A 1 4 ? -4.30336  2.36051  2.96447  1.000 8.17732  ? 5   AIB A HB11   1 
HETATM 51  H HB12   . AIB A 1 4 ? -4.23229  0.57181  3.29137  1.000 8.17732  ? 5   AIB A HB12   1 
HETATM 52  H HB13   . AIB A 1 4 ? -2.69356  1.51988  3.07955  1.000 8.17732  ? 5   AIB A HB13   1 
HETATM 53  H HB21   . AIB A 1 4 ? -5.65995  0.07948  1.51408  1.000 6.69823  ? 5   AIB A HB21   1 
HETATM 54  H HB22   . AIB A 1 4 ? -5.83171  1.82690  1.00325  1.000 6.69823  ? 5   AIB A HB22   1 
HETATM 55  H HB23   . AIB A 1 4 ? -5.29532  0.56816  -0.20992 1.000 6.69823  ? 5   AIB A HB23   1 
ATOM   56  N N      A LEU A 1 5 ? -2.61956  -0.29928 -0.29288 0.527 4.79704  ? 6   LEU A N      1 
ATOM   57  N N      B LEU A 1 5 ? -2.62082  -0.29632 -0.29454 0.473 4.84116  ? 6   LEU A N      1 
ATOM   58  C CA     A LEU A 1 5 ? -1.83932  -1.45136 -0.70786 0.527 4.82483  ? 6   LEU A CA     1 
ATOM   59  C CA     B LEU A 1 5 ? -1.82828  -1.43674 -0.72366 0.473 4.75288  ? 6   LEU A CA     1 
ATOM   60  C C      A LEU A 1 5 ? -0.34573  -1.23491 -0.45661 0.527 4.65903  ? 6   LEU A C      1 
ATOM   61  C C      B LEU A 1 5 ? -0.35008  -1.22487 -0.43190 0.473 4.42380  ? 6   LEU A C      1 
ATOM   62  O O      A LEU A 1 5 ? 0.36375   -2.16347 -0.04920 0.527 5.95059  ? 6   LEU A O      1 
ATOM   63  O O      B LEU A 1 5 ? 0.34049   -2.13854 0.03569  0.473 5.45779  ? 6   LEU A O      1 
ATOM   64  C CB     A LEU A 1 5 ? -2.06772  -1.74437 -2.19533 0.527 5.45791  ? 6   LEU A CB     1 
ATOM   65  C CB     B LEU A 1 5 ? -2.01234  -1.67296 -2.22634 0.473 5.25103  ? 6   LEU A CB     1 
ATOM   66  C CG     A LEU A 1 5 ? -3.25664  -2.65762 -2.55264 0.527 4.97288  ? 6   LEU A CG     1 
ATOM   67  C CG     B LEU A 1 5 ? -3.47443  -1.75836 -2.68094 0.473 6.10355  ? 6   LEU A CG     1 
ATOM   68  C CD1    A LEU A 1 5 ? -4.60788  -2.11559 -2.08491 0.527 5.93576  ? 6   LEU A CD1    1 
ATOM   69  C CD1    B LEU A 1 5 ? -3.58053  -2.09681 -4.15295 0.473 6.55735  ? 6   LEU A CD1    1 
ATOM   70  C CD2    A LEU A 1 5 ? -3.27313  -2.90285 -4.05155 0.527 6.85604  ? 6   LEU A CD2    1 
ATOM   71  C CD2    B LEU A 1 5 ? -4.23697  -2.77470 -1.86699 0.473 6.59596  ? 6   LEU A CD2    1 
ATOM   72  H H      A LEU A 1 5 ? -2.78794  0.25872  -0.92524 0.527 5.74399  ? 6   LEU A H      1 
ATOM   73  H H      B LEU A 1 5 ? -2.79828  0.26109  -0.92495 0.473 5.79693  ? 6   LEU A H      1 
ATOM   74  H HA     A LEU A 1 5 ? -2.12590  -2.22022 -0.19052 0.527 5.77734  ? 6   LEU A HA     1 
ATOM   75  H HA     B LEU A 1 5 ? -2.12746  -2.22201 -0.23918 0.473 5.69100  ? 6   LEU A HA     1 
ATOM   76  H HB2    A LEU A 1 5 ? -2.21450  -0.89870 -2.64722 0.527 6.53703  ? 6   LEU A HB2    1 
ATOM   77  H HB2    B LEU A 1 5 ? -1.59752  -0.93960 -2.70697 0.473 6.28878  ? 6   LEU A HB2    1 
ATOM   78  H HB3    A LEU A 1 5 ? -1.26862  -2.17135 -2.54178 0.527 6.53703  ? 6   LEU A HB3    1 
ATOM   79  H HB3    B LEU A 1 5 ? -1.58197  -2.50969 -2.46205 0.473 6.28878  ? 6   LEU A HB3    1 
ATOM   80  H HG     A LEU A 1 5 ? -3.13468  -3.49568 -2.07969 0.527 5.95500  ? 6   LEU A HG     1 
ATOM   81  H HG     B LEU A 1 5 ? -3.87647  -0.88650 -2.54272 0.473 7.31181  ? 6   LEU A HG     1 
ATOM   82  H HD11   A LEU A 1 5 ? -5.29754  -2.76568 -2.29143 0.527 7.11046  ? 6   LEU A HD11   1 
ATOM   83  H HD11   B LEU A 1 5 ? -4.50822  -2.02588 -4.42724 0.473 7.85636  ? 6   LEU A HD11   1 
ATOM   84  H HD12   A LEU A 1 5 ? -4.57282  -1.96336 -1.12758 0.527 7.11046  ? 6   LEU A HD12   1 
ATOM   85  H HD12   B LEU A 1 5 ? -3.03704  -1.47375 -4.66023 0.473 7.85636  ? 6   LEU A HD12   1 
ATOM   86  H HD13   A LEU A 1 5 ? -4.79043  -1.28191 -2.54595 0.527 7.11046  ? 6   LEU A HD13   1 
ATOM   87  H HD13   B LEU A 1 5 ? -3.26269  -3.00259 -4.29245 0.473 7.85636  ? 6   LEU A HD13   1 
ATOM   88  H HD21   A LEU A 1 5 ? -2.36188  -3.02110 -4.36225 0.527 8.21479  ? 6   LEU A HD21   1 
ATOM   89  H HD21   B LEU A 1 5 ? -4.45628  -2.38842 -1.00468 0.473 7.90269  ? 6   LEU A HD21   1 
ATOM   90  H HD22   A LEU A 1 5 ? -3.79153  -3.70189 -4.23514 0.527 8.21479  ? 6   LEU A HD22   1 
ATOM   91  H HD22   B LEU A 1 5 ? -5.05013  -3.01196 -2.33961 0.473 7.90269  ? 6   LEU A HD22   1 
ATOM   92  H HD23   A LEU A 1 5 ? -3.67628  -2.13851 -4.49218 0.527 8.21479  ? 6   LEU A HD23   1 
ATOM   93  H HD23   B LEU A 1 5 ? -3.68325  -3.56183 -1.74565 0.473 7.90269  ? 6   LEU A HD23   1 
HETATM 94  N N      . AIB A 1 6 ? 0.12407   -0.01556 -0.72745 1.000 4.36709  ? 7   AIB A N      1 
HETATM 95  C CA     . AIB A 1 6 ? 1.52907   0.33791  -0.63330 1.000 5.06285  ? 7   AIB A CA     1 
HETATM 96  C C      . AIB A 1 6 ? 2.13192   0.12979  0.74186  1.000 4.20089  ? 7   AIB A C      1 
HETATM 97  O O      . AIB A 1 6 ? 3.32539   -0.02534 0.92561  1.000 4.88110  ? 7   AIB A O      1 
HETATM 98  C CB1    . AIB A 1 6 ? 2.41429   -0.46735 -1.61207 1.000 7.75263  ? 7   AIB A CB1    1 
HETATM 99  C CB2    . AIB A 1 6 ? 1.68467   1.84236  -0.92980 1.000 6.76589  ? 7   AIB A CB2    1 
HETATM 100 H H      . AIB A 1 6 ? -0.33978  0.63698  -1.32831 1.000 5.22805  ? 7   AIB A H      1 
HETATM 101 H HB11   . AIB A 1 6 ? 2.38751   -1.54948 -1.34049 1.000 9.29070  ? 7   AIB A HB11   1 
HETATM 102 H HB12   . AIB A 1 6 ? 2.03514   -0.34035 -2.65398 1.000 9.29070  ? 7   AIB A HB12   1 
HETATM 103 H HB13   . AIB A 1 6 ? 3.46677   -0.10038 -1.55661 1.000 9.29070  ? 7   AIB A HB13   1 
HETATM 104 H HB21   . AIB A 1 6 ? 2.76596   2.11605  -0.86969 1.000 8.10661  ? 7   AIB A HB21   1 
HETATM 105 H HB22   . AIB A 1 6 ? 1.29569   2.05419  -1.95523 1.000 8.10661  ? 7   AIB A HB22   1 
HETATM 106 H HB23   . AIB A 1 6 ? 1.10287   2.42498  -0.17499 1.000 8.10661  ? 7   AIB A HB23   1 
ATOM   107 N N      . GLN A 1 7 ? 1.27427   0.12653  1.74719  1.000 4.62517  ? 8   GLN A N      1 
ATOM   108 C CA     . GLN A 1 7 ? 1.74652   -0.12338 3.10189  1.000 4.47879  ? 8   GLN A CA     1 
ATOM   109 C C      . GLN A 1 7 ? 2.47187   -1.45607 3.23535  1.000 4.34071  ? 8   GLN A C      1 
ATOM   110 O O      . GLN A 1 7 ? 3.34567   -1.59694 4.10420  1.000 4.51512  ? 8   GLN A O      1 
ATOM   111 C CB     . GLN A 1 7 ? 0.59562   -0.04237 4.10821  1.000 3.48487  ? 8   GLN A CB     1 
ATOM   112 C CG     . GLN A 1 7 ? -0.38113  -1.20090 4.09575  1.000 4.22697  ? 8   GLN A CG     1 
ATOM   113 C CD     . GLN A 1 7 ? -1.46338  -1.07922 5.13795  1.000 4.46323  ? 8   GLN A CD     1 
ATOM   114 O OE1    . GLN A 1 7 ? -1.20713  -0.90695 6.31681  1.000 5.12621  ? 8   GLN A OE1    1 
ATOM   115 N NE2    . GLN A 1 7 ? -2.69880  -1.18543 4.68247  1.000 5.33039  ? 8   GLN A NE2    1 
ATOM   116 H H      . GLN A 1 7 ? 0.42836   0.26364  1.67496  1.000 5.53774  ? 8   GLN A H      1 
ATOM   117 H HA     . GLN A 1 7 ? 2.38878   0.56997  3.32018  1.000 5.36209  ? 8   GLN A HA     1 
ATOM   118 H HB2    . GLN A 1 7 ? 0.97525   0.00264  4.99970  1.000 4.16939  ? 8   GLN A HB2    1 
ATOM   119 H HB3    . GLN A 1 7 ? 0.08735   0.76279  3.92304  1.000 4.16939  ? 8   GLN A HB3    1 
ATOM   120 H HG2    . GLN A 1 7 ? -0.80867  -1.24189 3.22602  1.000 5.05991  ? 8   GLN A HG2    1 
ATOM   121 H HG3    . GLN A 1 7 ? 0.10469   -2.02310 4.26568  1.000 5.05991  ? 8   GLN A HG3    1 
ATOM   122 H HE21   . GLN A 1 7 ? -2.83823  -1.31471 3.84376  1.000 6.38401  ? 8   GLN A HE21   1 
ATOM   123 H HE22   . GLN A 1 7 ? -3.36364  -1.12528 5.22466  1.000 6.38401  ? 8   GLN A HE22   1 
HETATM 124 N N      . AIB A 1 8 ? 2.12781   -2.41077 2.37598  1.000 4.06558  ? 9   AIB A N      1 
HETATM 125 C CA     . AIB A 1 8 ? 2.80028   -3.69097 2.33128  1.000 4.65304  ? 9   AIB A CA     1 
HETATM 126 C C      . AIB A 1 8 ? 4.32521   -3.54929 2.13394  1.000 5.15043  ? 9   AIB A C      1 
HETATM 127 O O      . AIB A 1 8 ? 5.10312   -4.37549 2.59917  1.000 6.36887  ? 9   AIB A O      1 
HETATM 128 C CB1    . AIB A 1 8 ? 2.50389   -4.50351 3.59888  1.000 5.40419  ? 9   AIB A CB1    1 
HETATM 129 C CB2    . AIB A 1 8 ? 2.25853   -4.46899 1.12178  1.000 5.70250  ? 9   AIB A CB2    1 
HETATM 130 H H      . AIB A 1 8 ? 1.66199   -2.24092 1.50640  1.000 4.86624  ? 9   AIB A H      1 
HETATM 131 H HB11   . AIB A 1 8 ? 1.40199   -4.54381 3.77106  1.000 6.47257  ? 9   AIB A HB11   1 
HETATM 132 H HB12   . AIB A 1 8 ? 2.89569   -5.54176 3.48062  1.000 6.47257  ? 9   AIB A HB12   1 
HETATM 133 H HB13   . AIB A 1 8 ? 2.99592   -4.02281 4.47769  1.000 6.47257  ? 9   AIB A HB13   1 
HETATM 134 H HB21   . AIB A 1 8 ? 1.16845   -4.66202 1.27074  1.000 6.83054  ? 9   AIB A HB21   1 
HETATM 135 H HB22   . AIB A 1 8 ? 2.41379   -3.86102 0.19769  1.000 6.83054  ? 9   AIB A HB22   1 
HETATM 136 H HB23   . AIB A 1 8 ? 2.80755   -5.43792 1.03567  1.000 6.83054  ? 9   AIB A HB23   1 
ATOM   137 N N      A LEU A 1 9 ? 4.71272   -2.49713 1.40950  0.608 4.63045  ? 10  LEU A N      1 
ATOM   138 N N      B LEU A 1 9 ? 4.74143   -2.49841 1.42132  0.392 5.76746  ? 10  LEU A N      1 
ATOM   139 C CA     A LEU A 1 9 ? 6.11453   -2.21051 1.11092  0.608 5.32109  ? 10  LEU A CA     1 
ATOM   140 C CA     B LEU A 1 9 ? 6.16095   -2.26738 1.09338  0.392 7.36111  ? 10  LEU A CA     1 
ATOM   141 C C      A LEU A 1 9 ? 6.61348   -1.02197 1.90511  0.608 5.55415  ? 10  LEU A C      1 
ATOM   142 C C      B LEU A 1 9 ? 6.81377   -1.13253 1.87006  0.392 7.38975  ? 10  LEU A C      1 
ATOM   143 O O      A LEU A 1 9 ? 7.46844   -0.26177 1.44567  0.608 5.88897  ? 10  LEU A O      1 
ATOM   144 O O      B LEU A 1 9 ? 7.91443   -1.24715 2.41420  0.392 5.67954  ? 10  LEU A O      1 
ATOM   145 C CB     A LEU A 1 9 ? 6.29337   -1.94261 -0.39055 0.608 6.76994  ? 10  LEU A CB     1 
ATOM   146 C CB     B LEU A 1 9 ? 6.31551   -1.97573 -0.40440 0.392 8.75890  ? 10  LEU A CB     1 
ATOM   147 C CG     A LEU A 1 9 ? 5.79052   -3.06049 -1.30840 0.608 7.00613  ? 10  LEU A CG     1 
ATOM   148 C CG     B LEU A 1 9 ? 5.92416   -3.11148 -1.34665 0.392 9.65378  ? 10  LEU A CG     1 
ATOM   149 C CD1    A LEU A 1 9 ? 5.92769   -2.63380 -2.75723 0.608 8.23695  ? 10  LEU A CD1    1 
ATOM   150 C CD1    B LEU A 1 9 ? 6.01490   -2.64642 -2.78632 0.392 10.57436 ? 10  LEU A CD1    1 
ATOM   151 C CD2    A LEU A 1 9 ? 6.50936   -4.38280 -1.06386 0.608 5.68541  ? 10  LEU A CD2    1 
ATOM   152 C CD2    B LEU A 1 9 ? 6.79765   -4.32932 -1.11464 0.392 9.46168  ? 10  LEU A CD2    1 
ATOM   153 H H      A LEU A 1 9 ? 4.16943   -1.92194 1.07247  0.608 5.54409  ? 10  LEU A H      1 
ATOM   154 H H      B LEU A 1 9 ? 4.21667   -1.89274 1.10923  0.392 6.90849  ? 10  LEU A H      1 
ATOM   155 H HA     A LEU A 1 9 ? 6.65126   -2.98101 1.35415  0.608 6.37285  ? 10  LEU A HA     1 
ATOM   156 H HA     B LEU A 1 9 ? 6.63075   -3.07968 1.33906  0.392 8.82087  ? 10  LEU A HA     1 
ATOM   157 H HB2    A LEU A 1 9 ? 5.80548   -1.13583 -0.61854 0.608 8.11147  ? 10  LEU A HB2    1 
ATOM   158 H HB2    B LEU A 1 9 ? 5.75683   -1.21382 -0.62410 0.392 10.49823 ? 10  LEU A HB2    1 
ATOM   159 H HB3    A LEU A 1 9 ? 7.23878   -1.82046 -0.56997 0.608 8.11147  ? 10  LEU A HB3    1 
ATOM   160 H HB3    B LEU A 1 9 ? 7.24643   -1.76550 -0.57781 0.392 10.49823 ? 10  LEU A HB3    1 
ATOM   161 H HG     A LEU A 1 9 ? 4.85442   -3.21929 -1.10991 0.608 8.39490  ? 10  LEU A HG     1 
ATOM   162 H HG     B LEU A 1 9 ? 5.00718   -3.37312 -1.16891 0.392 11.57208 ? 10  LEU A HG     1 
ATOM   163 H HD11   A LEU A 1 9 ? 5.60240   -3.34695 -3.32862 0.608 9.87188  ? 10  LEU A HD11   1 
ATOM   164 H HD11   B LEU A 1 9 ? 5.80717   -3.39093 -3.37238 0.392 12.67678 ? 10  LEU A HD11   1 
ATOM   165 H HD12   A LEU A 1 9 ? 5.40392   -1.83005 -2.90067 0.608 9.87188  ? 10  LEU A HD12   1 
ATOM   166 H HD12   B LEU A 1 9 ? 5.37895   -1.92755 -2.92665 0.392 12.67678 ? 10  LEU A HD12   1 
ATOM   167 H HD13   A LEU A 1 9 ? 6.86243   -2.45782 -2.94748 0.608 9.87188  ? 10  LEU A HD13   1 
ATOM   168 H HD13   B LEU A 1 9 ? 6.91530   -2.33010 -2.95985 0.392 12.67678 ? 10  LEU A HD13   1 
ATOM   169 H HD21   A LEU A 1 9 ? 6.33055   -4.98139 -1.80590 0.608 6.81003  ? 10  LEU A HD21   1 
ATOM   170 H HD21   B LEU A 1 9 ? 6.66942   -4.95382 -1.84570 0.392 11.34156 ? 10  LEU A HD21   1 
ATOM   171 H HD22   A LEU A 1 9 ? 7.46250   -4.21618 -0.99555 0.608 6.81003  ? 10  LEU A HD22   1 
ATOM   172 H HD22   B LEU A 1 9 ? 7.72576   -4.04979 -1.07732 0.392 11.34156 ? 10  LEU A HD22   1 
ATOM   173 H HD23   A LEU A 1 9 ? 6.18167   -4.77241 -0.23820 0.608 6.81003  ? 10  LEU A HD23   1 
ATOM   174 H HD23   B LEU A 1 9 ? 6.54345   -4.74513 -0.27596 0.392 11.34156 ? 10  LEU A HD23   1 
HETATM 175 C C11    A I77 B 2 . ? 7.16652   4.29973  3.17227  0.424 7.16229  ? 101 I77 A C11    1 
HETATM 176 C C11    B I77 B 2 . ? 7.04218   3.30179  4.41541  0.576 4.84752  ? 101 I77 A C11    1 
HETATM 177 C C12    A I77 B 2 . ? 6.92742   3.04734  3.70323  0.424 6.33997  ? 101 I77 A C12    1 
HETATM 178 C C12    B I77 B 2 . ? 7.25407   2.13353  5.11185  0.576 4.98371  ? 101 I77 A C12    1 
HETATM 179 C C13    A I77 B 2 . ? 6.73582   1.83223  2.83180  0.424 7.33991  ? 101 I77 A C13    1 
HETATM 180 C C13    B I77 B 2 . ? 7.12010   0.78826  4.42698  0.576 5.59725  ? 101 I77 A C13    1 
HETATM 181 C C17    A I77 B 2 . ? 6.85275   2.86344  5.07471  0.424 4.98656  ? 101 I77 A C17    1 
HETATM 182 C C17    B I77 B 2 . ? 7.54418   2.18544  6.47649  0.576 4.55214  ? 101 I77 A C17    1 
HETATM 183 C C18    A I77 B 2 . ? 7.01613   3.94662  5.89387  0.424 5.21148  ? 101 I77 A C18    1 
HETATM 184 C C18    B I77 B 2 . ? 7.65555   3.42357  7.06695  0.576 2.76957  ? 101 I77 A C18    1 
HETATM 185 C C02    A I77 B 2 . ? 7.84788   9.65646  8.79607  0.424 10.54544 ? 101 I77 A C02    1 
HETATM 186 C C02    B I77 B 2 . ? 7.75252   9.71347  8.70772  0.576 3.43053  ? 101 I77 A C02    1 
HETATM 187 C C03    A I77 B 2 . ? 7.70176   8.41883  7.89436  0.424 10.24449 ? 101 I77 A C03    1 
HETATM 188 C C03    B I77 B 2 . ? 7.71142   8.29848  8.11085  0.576 3.05976  ? 101 I77 A C03    1 
HETATM 189 C C04    A I77 B 2 . ? 7.44957   8.66232  6.56327  0.424 9.17889  ? 101 I77 A C04    1 
HETATM 190 C C04    B I77 B 2 . ? 7.36137   8.21190  6.78310  0.576 3.63895  ? 101 I77 A C04    1 
HETATM 191 C C05    A I77 B 2 . ? 7.31115   7.58482  5.72353  0.424 7.53948  ? 101 I77 A C05    1 
HETATM 192 C C05    B I77 B 2 . ? 7.30605   6.97259  6.20373  0.576 5.05343  ? 101 I77 A C05    1 
HETATM 193 C C06    A I77 B 2 . ? 7.80243   7.12588  8.37049  0.424 10.31408 ? 101 I77 A C06    1 
HETATM 194 C C06    B I77 B 2 . ? 7.96698   7.16243  8.85145  0.576 3.83724  ? 101 I77 A C06    1 
HETATM 195 C C08    A I77 B 2 . ? 7.42700   6.32383  6.24852  0.424 7.14795  ? 101 I77 A C08    1 
HETATM 196 C C08    B I77 B 2 . ? 7.55919   5.86720  6.97862  0.576 4.19463  ? 101 I77 A C08    1 
HETATM 197 C C09    A I77 B 2 . ? 7.25243   5.16358  5.31439  0.424 6.36703  ? 101 I77 A C09    1 
HETATM 198 C C09    B I77 B 2 . ? 7.45604   4.53602  6.30120  0.576 4.64239  ? 101 I77 A C09    1 
HETATM 199 N N01    A I77 B 2 . ? 8.27672   9.48523  10.16919 0.424 10.32043 ? 101 I77 A N01    1 
HETATM 200 N N01    B I77 B 2 . ? 7.92688   9.81093  10.13407 0.576 2.11363  ? 101 I77 A N01    1 
HETATM 201 N N07    A I77 B 2 . ? 7.66126   6.11393  7.52519  0.424 8.91737  ? 101 I77 A N07    1 
HETATM 202 N N07    B I77 B 2 . ? 7.89855   5.97310  8.24957  0.576 5.85617  ? 101 I77 A N07    1 
HETATM 203 N N10    A I77 B 2 . ? 7.31629   5.31489  3.99976  0.424 7.88962  ? 101 I77 A N10    1 
HETATM 204 N N10    B I77 B 2 . ? 7.14268   4.46303  5.02755  0.576 4.79497  ? 101 I77 A N10    1 
HETATM 205 N N14    A I77 B 2 . ? 6.04976   0.71105  3.50939  0.424 6.96983  ? 101 I77 A N14    1 
HETATM 206 N N14    B I77 B 2 . ? 6.13295   0.75436  3.33305  0.576 5.34926  ? 101 I77 A N14    1 
HETATM 207 N N15    A I77 B 2 . ? 5.74519   -0.53017 2.91901  0.424 7.07504  ? 101 I77 A N15    1 
HETATM 208 N N15    B I77 B 2 . ? 5.83920   -0.41849 2.61650  0.576 6.96763  ? 101 I77 A N15    1 
HETATM 209 O O16    A I77 B 2 . ? 7.12600   1.85467  1.69745  0.424 8.86686  ? 101 I77 A O16    1 
HETATM 210 O O16    B I77 B 2 . ? 7.79046   -0.14725 4.76399  0.576 6.23277  ? 101 I77 A O16    1 
HETATM 211 O O19    A I77 B 2 . ? 7.60190   10.73175 8.35674  0.424 10.74252 ? 101 I77 A O19    1 
HETATM 212 O O19    B I77 B 2 . ? 7.59676   10.69223 8.03330  0.576 4.39357  ? 101 I77 A O19    1 
HETATM 213 H H111   A I77 B 2 . ? 7.22929   4.44397  2.10480  0.424 8.58229  ? 101 I77 A H111   1 
HETATM 214 H H111   B I77 B 2 . ? 6.79331   3.26587  3.36611  0.576 5.80457  ? 101 I77 A H111   1 
HETATM 215 H H171   A I77 B 2 . ? 6.66728   1.87409  5.49290  0.424 5.97141  ? 101 I77 A H171   1 
HETATM 216 H H171   B I77 B 2 . ? 7.67847   1.27265  7.05691  0.576 5.45011  ? 101 I77 A H171   1 
HETATM 217 H H181   A I77 B 2 . ? 6.95981   3.84363  6.97553  0.424 6.24132  ? 101 I77 A H181   1 
HETATM 218 H H181   B I77 B 2 . ? 7.89791   3.51417  8.12373  0.576 3.31103  ? 101 I77 A H181   1 
HETATM 219 H H041   A I77 B 2 . ? 7.36355   9.66650  6.19219  0.424 11.00221 ? 101 I77 A H041   1 
HETATM 220 H H041   B I77 B 2 . ? 7.13693   9.09521  6.21489  0.576 4.35429  ? 101 I77 A H041   1 
HETATM 221 H H051   A I77 B 2 . ? 7.11451   7.72805  4.66820  0.424 9.03492  ? 101 I77 A H051   1 
HETATM 222 H H051   B I77 B 2 . ? 7.06690   6.86562  5.15289  0.576 6.05166  ? 101 I77 A H051   1 
HETATM 223 H H061   A I77 B 2 . ? 7.99375   6.94152  9.41833  0.424 12.36444 ? 101 I77 A H061   1 
HETATM 224 H H061   B I77 B 2 . ? 8.21812   7.23449  9.90039  0.576 4.59223  ? 101 I77 A H061   1 
HETATM 225 H H011   A I77 B 2 . ? 8.47683   8.57053  10.51727 0.424 12.37206 ? 101 I77 A H011   1 
HETATM 226 H H011   B I77 B 2 . ? 8.03093   8.98262  10.67723 0.576 2.52390  ? 101 I77 A H011   1 
HETATM 227 H H012   A I77 B 2 . ? 8.37490   10.28585 10.77148 0.424 12.37206 ? 101 I77 A H012   1 
HETATM 228 H H012   B I77 B 2 . ? 7.94523   10.71283 10.58757 0.576 2.52390  ? 101 I77 A H012   1 
HETATM 229 H H141   A I77 B 2 . ? 5.77896   0.84579  4.46884  0.424 8.35134  ? 101 I77 A H141   1 
HETATM 230 H H141   B I77 B 2 . ? 5.65082   1.60313  3.08976  0.576 6.40666  ? 101 I77 A H141   1 
HETATM 231 H H1     A I77 B 2 . ? 4.79330   -0.48613 2.60873  0.424 8.47759  ? 101 I77 A H1     1 
HETATM 232 H H1     B I77 B 2 . ? 4.84230   -0.52835 2.63879  0.576 8.34870  ? 101 I77 A H1     1 
HETATM 233 C C05    A I6W C 3 . ? -5.31976  8.12260  0.63036  0.539 5.97120  ? 102 I6W A C05    1 
HETATM 234 C C05    B I6W C 3 . ? -5.85803  8.51044  -0.12282 0.461 8.93546  ? 102 I6W A C05    1 
HETATM 235 C C08    A I6W C 3 . ? -5.72675  9.03595  -0.27141 0.539 6.41706  ? 102 I6W A C08    1 
HETATM 236 C C08    B I6W C 3 . ? -6.15901  9.12975  -1.29529 0.461 9.57993  ? 102 I6W A C08    1 
HETATM 237 C C09    A I6W C 3 . ? -5.61483  10.49013 0.10899  0.539 5.79226  ? 102 I6W A C09    1 
HETATM 238 C C09    B I6W C 3 . ? -6.17297  10.64158 -1.28750 0.461 9.58233  ? 102 I6W A C09    1 
HETATM 239 N N10    A I6W C 3 . ? -5.14099  10.83945 1.28332  0.539 9.33970  ? 102 I6W A N10    1 
HETATM 240 N N10    B I6W C 3 . ? -5.86003  11.23411 -0.16552 0.461 9.82570  ? 102 I6W A N10    1 
HETATM 241 C C02    A I6W C 3 . ? -5.83808  4.94910  -1.31343 0.539 6.16560  ? 102 I6W A C02    1 
HETATM 242 C C02    B I6W C 3 . ? -6.08120  4.90320  -1.17671 0.461 9.35749  ? 102 I6W A C02    1 
HETATM 243 C C03    A I6W C 3 . ? -5.81935  6.43875  -0.96697 0.539 7.21117  ? 102 I6W A C03    1 
HETATM 244 C C03    B I6W C 3 . ? -6.12470  6.43738  -1.24192 0.461 8.47603  ? 102 I6W A C03    1 
HETATM 245 C C04    A I6W C 3 . ? -5.37462  6.77573  0.29401  0.539 7.85010  ? 102 I6W A C04    1 
HETATM 246 C C04    B I6W C 3 . ? -5.83193  7.11781  -0.08105 0.461 9.50341  ? 102 I6W A C04    1 
HETATM 247 C C06    A I6W C 3 . ? -6.20292  7.39822  -1.86224 0.539 8.13440  ? 102 I6W A C06    1 
HETATM 248 C C06    B I6W C 3 . ? -6.43500  7.11681  -2.40027 0.461 8.71113  ? 102 I6W A C06    1 
HETATM 249 C C11    A I6W C 3 . ? -4.99962  12.09921 1.64447  0.539 8.37407  ? 102 I6W A C11    1 
HETATM 250 C C11    B I6W C 3 . ? -5.84653  12.53923 -0.06110 0.461 8.73808  ? 102 I6W A C11    1 
HETATM 251 C C12    A I6W C 3 . ? -5.31461  13.09967 0.74894  0.539 5.63812  ? 102 I6W A C12    1 
HETATM 252 C C12    B I6W C 3 . ? -6.15413  13.30656 -1.16448 0.461 9.51709  ? 102 I6W A C12    1 
HETATM 253 C C13    A I6W C 3 . ? -5.15034  14.60391 1.06998  0.539 5.88679  ? 102 I6W A C13    1 
HETATM 254 C C13    B I6W C 3 . ? -6.12288  14.84022 -1.01529 0.461 9.84144  ? 102 I6W A C13    1 
HETATM 255 C C15    A I6W C 3 . ? -5.49126  16.86218 0.24426  0.539 9.84316  ? 102 I6W A C15    1 
HETATM 256 C C15    B I6W C 3 . ? -5.06499  16.56955 0.32892  0.461 12.26030 ? 102 I6W A C15    1 
HETATM 257 C C16    A I6W C 3 . ? -6.12795  17.49771 -1.01227 0.539 8.84978  ? 102 I6W A C16    1 
HETATM 258 C C16    B I6W C 3 . ? -4.36865  16.61569 1.71060  0.461 7.81397  ? 102 I6W A C16    1 
HETATM 259 C C18    A I6W C 3 . ? -5.77505  12.78143 -0.49838 0.539 5.68105  ? 102 I6W A C18    1 
HETATM 260 C C18    B I6W C 3 . ? -6.48270  12.73546 -2.36781 0.461 9.75987  ? 102 I6W A C18    1 
HETATM 261 C C19    A I6W C 3 . ? -5.91061  11.43402 -0.83667 0.539 5.18136  ? 102 I6W A C19    1 
HETATM 262 C C19    B I6W C 3 . ? -6.48124  11.34297 -2.43384 0.461 9.30451  ? 102 I6W A C19    1 
HETATM 263 N N07    A I6W C 3 . ? -6.13595  8.68193  -1.49218 0.539 8.61072  ? 102 I6W A N07    1 
HETATM 264 N N07    B I6W C 3 . ? -6.45556  8.44763  -2.39941 0.461 10.88724 ? 102 I6W A N07    1 
HETATM 265 O O01    A I6W C 3 . ? -5.28887  4.18978  -0.56352 0.539 4.80053  ? 102 I6W A O01    1 
HETATM 266 O O01    B I6W C 3 . ? -5.14993  4.33052  -0.67933 0.461 9.25026  ? 102 I6W A O01    1 
HETATM 267 O O14    A I6W C 3 . ? -5.53217  15.44498 0.00129  0.539 7.08792  ? 102 I6W A O14    1 
HETATM 268 O O14    B I6W C 3 . ? -5.77296  15.32118 0.27623  0.461 10.51991 ? 102 I6W A O14    1 
HETATM 269 O O17    A I6W C 3 . ? -4.70334  15.00931 2.08062  0.539 7.04798  ? 102 I6W A O17    1 
HETATM 270 O O17    B I6W C 3 . ? -6.37738  15.52053 -1.94005 0.461 11.39845 ? 102 I6W A O17    1 
HETATM 271 H H051   A I6W C 3 . ? -4.96071  8.42888  1.58843  0.539 7.15299  ? 102 I6W A H051   1 
HETATM 272 H H051   B I6W C 3 . ? -5.64482  9.08321  0.75302  0.461 10.71009 ? 102 I6W A H051   1 
HETATM 273 H H041   A I6W C 3 . ? -5.06656  5.98572  1.02570  0.539 9.40766  ? 102 I6W A H041   1 
HETATM 274 H H041   B I6W C 3 . ? -5.58163  6.57038  0.86344  0.461 11.39164 ? 102 I6W A H041   1 
HETATM 275 H H061   A I6W C 3 . ? -6.55433  7.12360  -2.85244 0.539 9.74882  ? 102 I6W A H061   1 
HETATM 276 H H061   B I6W C 3 . ? -6.66171  6.56817  -3.30967 0.461 10.44090 ? 102 I6W A H061   1 
HETATM 277 H H111   A I6W C 3 . ? -4.64538  12.34248 2.61892  0.539 10.03643 ? 102 I6W A H111   1 
HETATM 278 H H111   B I6W C 3 . ? -5.60072  13.00297 0.86558  0.461 10.47324 ? 102 I6W A H111   1 
HETATM 279 H H152   A I6W C 3 . ? -6.06331  17.11327 1.12891  0.539 11.79933 ? 102 I6W A H152   1 
HETATM 280 H H152   B I6W C 3 . ? -4.32789  16.61550 -0.46320 0.461 14.69990 ? 102 I6W A H152   1 
HETATM 281 H H151   A I6W C 3 . ? -4.46875  17.19837 0.36398  0.539 11.79933 ? 102 I6W A H151   1 
HETATM 282 H H151   B I6W C 3 . ? -5.75712  17.39675 0.23102  0.461 14.69990 ? 102 I6W A H151   1 
HETATM 283 H H162   A I6W C 3 . ? -5.96302  18.59121 -0.99548 0.539 10.60728 ? 102 I6W A H162   1 
HETATM 284 H H162   B I6W C 3 . ? -3.64122  17.44862 1.72856  0.461 9.36431  ? 102 I6W A H162   1 
HETATM 285 H H163   A I6W C 3 . ? -7.21389  17.28817 -1.02070 0.539 10.60728 ? 102 I6W A H163   1 
HETATM 286 H H163   B I6W C 3 . ? -3.84057  15.66038 1.88876  0.461 9.36431  ? 102 I6W A H163   1 
HETATM 287 H H161   A I6W C 3 . ? -5.66192  17.06787 -1.91852 0.539 10.60728 ? 102 I6W A H161   1 
HETATM 288 H H161   B I6W C 3 . ? -5.12737  16.77101 2.50018  0.461 9.36431  ? 102 I6W A H161   1 
HETATM 289 H H181   A I6W C 3 . ? -6.03115  13.56248 -1.21425 0.539 6.80480  ? 102 I6W A H181   1 
HETATM 290 H H181   B I6W C 3 . ? -6.73448  13.34396 -3.23639 0.461 11.69938 ? 102 I6W A H181   1 
HETATM 291 H H191   A I6W C 3 . ? -6.24398  11.14085 -1.82999 0.539 6.20517  ? 102 I6W A H191   1 
HETATM 292 H H191   B I6W C 3 . ? -6.71621  10.82555 -3.36164 0.461 11.15295 ? 102 I6W A H191   1 
HETATM 293 C C1     . PXY D 4 . ? -8.49400  3.75496  0.97612  1.000 34.67409 ? 103 PXY A C1     1 
HETATM 294 C C2     . PXY D 4 . ? -8.54812  2.36728  0.85043  1.000 33.64949 ? 103 PXY A C2     1 
HETATM 295 C C3     . PXY D 4 . ? -9.33547  1.74234  -0.10135 1.000 31.60393 ? 103 PXY A C3     1 
HETATM 296 C C4     . PXY D 4 . ? -10.10975 2.49256  -0.97169 1.000 33.44144 ? 103 PXY A C4     1 
HETATM 297 C C5     . PXY D 4 . ? -10.05778 3.87391  -0.86626 1.000 34.48933 ? 103 PXY A C5     1 
HETATM 298 C C6     . PXY D 4 . ? -9.25909  4.50050  0.09092  1.000 35.03249 ? 103 PXY A C6     1 
HETATM 299 C "C1'"  . PXY D 4 . ? -7.63219  4.40864  2.02172  1.000 37.63598 ? 103 PXY A "C1'"  1 
HETATM 300 C "C4'"  . PXY D 4 . ? -10.96484 1.82377  -1.99078 1.000 34.43948 ? 103 PXY A "C4'"  1 
HETATM 301 H H2     . PXY D 4 . ? -8.03845  1.84277  1.42491  1.000 40.36693 ? 103 PXY A H2     1 
HETATM 302 H H3     . PXY D 4 . ? -9.34404  0.81399  -0.15603 1.000 37.91226 ? 103 PXY A H3     1 
HETATM 303 H H5     . PXY D 4 . ? -10.56563 4.39515  -1.44531 1.000 41.37474 ? 103 PXY A H5     1 
HETATM 304 H H6     . PXY D 4 . ? -9.24021  5.42927  0.13513  1.000 42.02654 ? 103 PXY A H6     1 
HETATM 305 H "H1'1" . PXY D 4 . ? -7.10758  5.12993  1.64038  1.000 45.15072 ? 103 PXY A "H1'1" 1 
HETATM 306 H "H1'2" . PXY D 4 . ? -7.01706  3.77042  2.41567  1.000 45.15072 ? 103 PXY A "H1'2" 1 
HETATM 307 H "H1'3" . PXY D 4 . ? -8.17236  4.78032  2.73655  1.000 45.15072 ? 103 PXY A "H1'3" 1 
HETATM 308 H "H4'1" . PXY D 4 . ? -11.77045 1.46307  -1.58855 1.000 41.31492 ? 103 PXY A "H4'1" 1 
HETATM 309 H "H4'2" . PXY D 4 . ? -11.23324 2.44630  -2.68455 1.000 41.31492 ? 103 PXY A "H4'2" 1 
HETATM 310 H "H4'3" . PXY D 4 . ? -10.49272 1.09116  -2.41657 1.000 41.31492 ? 103 PXY A "H4'3" 1 
HETATM 311 C C1     . PXY E 4 . ? 2.65796   -4.71435 -3.94127 1.000 14.35035 ? 104 PXY A C1     1 
HETATM 312 C C2     . PXY E 4 . ? 2.93829   -4.46501 -5.27905 1.000 17.02013 ? 104 PXY A C2     1 
HETATM 313 C C3     . PXY E 4 . ? 2.47180   -3.32354 -5.91951 1.000 19.04556 ? 104 PXY A C3     1 
HETATM 314 C C4     . PXY E 4 . ? 1.68093   -2.39803 -5.25066 1.000 17.97759 ? 104 PXY A C4     1 
HETATM 315 C C5     . PXY E 4 . ? 1.39071   -2.66657 -3.91446 1.000 15.05096 ? 104 PXY A C5     1 
HETATM 316 C C6     . PXY E 4 . ? 1.87033   -3.79971 -3.27256 1.000 13.98008 ? 104 PXY A C6     1 
HETATM 317 C "C1'"  . PXY E 4 . ? 3.16143   -5.92587 -3.25070 1.000 16.29124 ? 104 PXY A "C1'"  1 
HETATM 318 C "C4'"  . PXY E 4 . ? 1.16386   -1.15894 -5.94889 1.000 18.85579 ? 104 PXY A "C4'"  1 
HETATM 319 H H2     . PXY E 4 . ? 3.45022   -5.07589 -5.75830 1.000 20.41170 ? 104 PXY A H2     1 
HETATM 320 H H3     . PXY E 4 . ? 2.69337   -3.17773 -6.81088 1.000 22.84221 ? 104 PXY A H3     1 
HETATM 321 H H5     . PXY E 4 . ? 0.86016   -2.06977 -3.43776 1.000 18.04870 ? 104 PXY A H5     1 
HETATM 322 H H6     . PXY E 4 . ? 1.65716   -3.94358 -2.37883 1.000 16.76364 ? 104 PXY A H6     1 
HETATM 323 H "H1'1" . PXY E 4 . ? 4.12011   -6.01957 -3.36500 1.000 19.53703 ? 104 PXY A "H1'1" 1 
HETATM 324 H "H1'2" . PXY E 4 . ? 2.74112   -6.72698 -3.60067 1.000 19.53703 ? 104 PXY A "H1'2" 1 
HETATM 325 H "H1'3" . PXY E 4 . ? 2.97850   -5.88634 -2.29892 1.000 19.53703 ? 104 PXY A "H1'3" 1 
HETATM 326 H "H4'1" . PXY E 4 . ? 0.37330   -1.35829 -6.47442 1.000 22.61450 ? 104 PXY A "H4'1" 1 
HETATM 327 H "H4'2" . PXY E 4 . ? 0.92779   -0.46982 -5.30835 1.000 22.61450 ? 104 PXY A "H4'2" 1 
HETATM 328 H "H4'3" . PXY E 4 . ? 1.83239   -0.79056 -6.54745 1.000 22.61450 ? 104 PXY A "H4'3" 1 
HETATM 329 C C1     A PXY F 4 . ? 5.17036   11.62018 0.25220  0.559 20.48718 ? 105 PXY A C1     1 
HETATM 330 C C1     B PXY F 4 . ? -0.12709  12.27180 4.17232  0.441 23.29505 ? 105 PXY A C1     1 
HETATM 331 C C2     A PXY F 4 . ? 3.83058   11.41143 -0.03575 0.559 19.16330 ? 105 PXY A C2     1 
HETATM 332 C C2     B PXY F 4 . ? -1.16346  11.34140 4.12717  0.441 22.48641 ? 105 PXY A C2     1 
HETATM 333 C C3     A PXY F 4 . ? 2.89353   12.38816 0.25162  0.559 19.22754 ? 105 PXY A C3     1 
HETATM 334 C C3     B PXY F 4 . ? -2.46802  11.71239 4.42914  0.441 21.84417 ? 105 PXY A C3     1 
HETATM 335 C C4     A PXY F 4 . ? 3.28246   13.59535 0.83422  0.559 18.42125 ? 105 PXY A C4     1 
HETATM 336 C C4     B PXY F 4 . ? -2.78719  13.02808 4.78913  0.441 21.84067 ? 105 PXY A C4     1 
HETATM 337 C C5     A PXY F 4 . ? 4.61958   13.78586 1.13275  0.559 18.37474 ? 105 PXY A C5     1 
HETATM 338 C C5     B PXY F 4 . ? -1.75021  13.95370 4.83361  0.441 21.80311 ? 105 PXY A C5     1 
HETATM 339 C C6     A PXY F 4 . ? 5.55116   12.81528 0.84603  0.559 19.02516 ? 105 PXY A C6     1 
HETATM 340 C C6     B PXY F 4 . ? -0.44410  13.58529 4.53300  0.441 22.16346 ? 105 PXY A C6     1 
HETATM 341 C "C1'"  A PXY F 4 . ? 6.17834   10.55821 -0.05500 0.559 24.17411 ? 105 PXY A "C1'"  1 
HETATM 342 C "C1'"  B PXY F 4 . ? 1.28048   11.85759 3.85014  0.441 23.70712 ? 105 PXY A "C1'"  1 
HETATM 343 C "C4'"  A PXY F 4 . ? 2.28229   14.65723 1.14894  0.559 17.00484 ? 105 PXY A "C4'"  1 
HETATM 344 C "C4'"  B PXY F 4 . ? -4.19990  13.42669 5.11095  0.441 21.74828 ? 105 PXY A "C4'"  1 
HETATM 345 H H2     A PXY F 4 . ? 3.55892   10.61123 -0.42405 0.559 22.98350 ? 105 PXY A H2     1 
HETATM 346 H H2     B PXY F 4 . ? -0.98082  10.46036 3.89200  0.441 26.97123 ? 105 PXY A H2     1 
HETATM 347 H H3     A PXY F 4 . ? 1.99716   12.23795 0.05446  0.559 23.06059 ? 105 PXY A H3     1 
HETATM 348 H H3     B PXY F 4 . ? -3.14252  11.07324 4.39119  0.441 26.20055 ? 105 PXY A H3     1 
HETATM 349 H H5     A PXY F 4 . ? 4.89345   14.57972 1.53236  0.559 22.03723 ? 105 PXY A H5     1 
HETATM 350 H H5     B PXY F 4 . ? -1.93252  14.83490 5.06846  0.441 26.15128 ? 105 PXY A H5     1 
HETATM 351 H H6     A PXY F 4 . ? 6.44580   12.96273 1.05287  0.559 22.81774 ? 105 PXY A H6     1 
HETATM 352 H H6     B PXY F 4 . ? 0.23017   14.22456 4.57277  0.441 26.58370 ? 105 PXY A H6     1 
HETATM 353 H "H1'1" A PXY F 4 . ? 6.28249   10.44253 -1.01244 0.559 28.99647 ? 105 PXY A "H1'1" 1 
HETATM 354 H "H1'1" B PXY F 4 . ? 1.47630   11.98955 2.90932  0.441 28.43609 ? 105 PXY A "H1'1" 1 
HETATM 355 H "H1'2" A PXY F 4 . ? 5.91086   9.70444  0.31972  0.559 28.99647 ? 105 PXY A "H1'2" 1 
HETATM 356 H "H1'2" B PXY F 4 . ? 1.42375   10.92024 4.05447  0.441 28.43609 ? 105 PXY A "H1'2" 1 
HETATM 357 H "H1'3" A PXY F 4 . ? 7.04687   10.78471 0.31278  0.559 28.99647 ? 105 PXY A "H1'3" 1 
HETATM 358 H "H1'3" B PXY F 4 . ? 1.92210   12.37438 4.36215  0.441 28.43609 ? 105 PXY A "H1'3" 1 
HETATM 359 H "H4'1" A PXY F 4 . ? 1.87177   14.50498 2.01450  0.559 20.39335 ? 105 PXY A "H4'1" 1 
HETATM 360 H "H4'1" B PXY F 4 . ? -4.37287  13.36190 6.06320  0.441 26.08548 ? 105 PXY A "H4'1" 1 
HETATM 361 H "H4'2" A PXY F 4 . ? 2.69755   15.53365 1.16802  0.559 20.39335 ? 105 PXY A "H4'2" 1 
HETATM 362 H "H4'2" B PXY F 4 . ? -4.37530  14.34127 4.83952  0.441 26.08548 ? 105 PXY A "H4'2" 1 
HETATM 363 H "H4'3" A PXY F 4 . ? 1.57515   14.67883 0.48534  0.559 20.39335 ? 105 PXY A "H4'3" 1 
HETATM 364 H "H4'3" B PXY F 4 . ? -4.83682  12.85488 4.65458  0.441 26.08548 ? 105 PXY A "H4'3" 1 
# 
loop_
_atom_site_anisotrop.id 
_atom_site_anisotrop.type_symbol 
_atom_site_anisotrop.pdbx_label_atom_id 
_atom_site_anisotrop.pdbx_label_alt_id 
_atom_site_anisotrop.pdbx_label_comp_id 
_atom_site_anisotrop.pdbx_label_asym_id 
_atom_site_anisotrop.pdbx_label_seq_id 
_atom_site_anisotrop.pdbx_PDB_ins_code 
_atom_site_anisotrop.U[1][1] 
_atom_site_anisotrop.U[2][2] 
_atom_site_anisotrop.U[3][3] 
_atom_site_anisotrop.U[1][2] 
_atom_site_anisotrop.U[1][3] 
_atom_site_anisotrop.U[2][3] 
_atom_site_anisotrop.pdbx_auth_seq_id 
_atom_site_anisotrop.pdbx_auth_comp_id 
_atom_site_anisotrop.pdbx_auth_asym_id 
_atom_site_anisotrop.pdbx_auth_atom_id 
1   N N     . LEU A 1 ? 0.06692 0.06979 0.10741 0.02833  0.01892  0.03779  2   LEU A N     
2   C CA    . LEU A 1 ? 0.05790 0.07816 0.08976 0.00890  0.00339  0.04769  2   LEU A CA    
3   C C     . LEU A 1 ? 0.07177 0.05360 0.11032 0.00551  -0.00691 0.01853  2   LEU A C     
4   O O     . LEU A 1 ? 0.08495 0.04028 0.08719 -0.00238 -0.00653 -0.00298 2   LEU A O     
5   C CB    . LEU A 1 ? 0.06004 0.11643 0.12668 0.00224  -0.03083 0.04216  2   LEU A CB    
6   C CG    . LEU A 1 ? 0.09890 0.15004 0.15049 -0.00039 -0.05921 0.00792  2   LEU A CG    
7   C CD1   . LEU A 1 ? 0.13216 0.13886 0.18459 -0.01310 -0.07314 0.01121  2   LEU A CD1   
8   C CD2   . LEU A 1 ? 0.14298 0.17380 0.16433 -0.02796 -0.08132 0.01690  2   LEU A CD2   
20  N N     . AIB A 2 ? 0.03675 0.04439 0.09482 0.01330  0.01496  0.01519  3   AIB A N     
21  C CA    . AIB A 2 ? 0.10305 0.05464 0.05235 0.02273  0.02058  0.02033  3   AIB A CA    
22  C C     . AIB A 2 ? 0.07167 0.06292 0.05672 0.00626  0.02266  0.00669  3   AIB A C     
23  O O     . AIB A 2 ? 0.06565 0.07907 0.08487 0.02347  0.00574  0.01044  3   AIB A O     
24  C CB1   . AIB A 2 ? 0.12102 0.08696 0.07091 0.02324  0.00045  0.00162  3   AIB A CB1   
25  C CB2   . AIB A 2 ? 0.07346 0.07990 0.10079 0.03812  0.02556  -0.00175 3   AIB A CB2   
33  N N     . ALA A 3 ? 0.05840 0.05445 0.07489 0.01657  0.01180  0.00664  4   ALA A N     
34  C CA    . ALA A 3 ? 0.05972 0.07152 0.08643 -0.01049 -0.02840 -0.01166 4   ALA A CA    
35  C C     . ALA A 3 ? 0.08458 0.06213 0.07926 -0.00881 -0.00038 0.00296  4   ALA A C     
36  O O     . ALA A 3 ? 0.11146 0.06359 0.07289 -0.00666 -0.00220 -0.00577 4   ALA A O     
37  C CB    . ALA A 3 ? 0.13777 0.07733 0.09893 -0.01445 -0.03094 -0.01489 4   ALA A CB    
43  N N     . AIB A 4 ? 0.08789 0.06886 0.04155 -0.00512 0.00819  0.00709  5   AIB A N     
44  C CA    . AIB A 4 ? 0.07035 0.07151 0.08029 0.01553  0.00444  0.01429  5   AIB A CA    
45  C C     . AIB A 4 ? 0.06149 0.06210 0.09746 0.00480  -0.01049 0.02750  5   AIB A C     
46  O O     . AIB A 4 ? 0.08063 0.07988 0.07961 0.01853  -0.00064 0.02109  5   AIB A O     
47  C CB1   . AIB A 4 ? 0.10797 0.07757 0.07377 0.00204  0.01236  0.00990  5   AIB A CB1   
48  C CB2   . AIB A 4 ? 0.07196 0.07178 0.06875 0.02890  0.03266  0.02367  5   AIB A CB2   
56  N N     A LEU A 5 ? 0.05258 0.06493 0.06474 0.01198  0.00337  0.01912  6   LEU A N     
57  N N     B LEU A 5 ? 0.04691 0.07284 0.06419 0.00774  0.00425  0.01647  6   LEU A N     
58  C CA    A LEU A 5 ? 0.06700 0.05768 0.05865 0.00916  -0.00521 0.01645  6   LEU A CA    
59  C CA    B LEU A 5 ? 0.05286 0.07327 0.05445 -0.00083 0.00209  0.01258  6   LEU A CA    
60  C C     A LEU A 5 ? 0.05709 0.07181 0.04812 0.01460  -0.00393 0.01013  6   LEU A C     
61  C C     B LEU A 5 ? 0.04669 0.07972 0.04167 0.00290  0.00587  0.01344  6   LEU A C     
62  O O     A LEU A 5 ? 0.06300 0.07852 0.08457 0.03875  -0.01393 0.00125  6   LEU A O     
63  O O     B LEU A 5 ? 0.05815 0.08586 0.06336 0.00818  0.00570  0.01711  6   LEU A O     
64  C CB    A LEU A 5 ? 0.06305 0.05392 0.09039 0.00447  0.00997  -0.00462 6   LEU A CB    
65  C CB    B LEU A 5 ? 0.03816 0.08208 0.07927 -0.00888 0.02186  -0.01544 6   LEU A CB    
66  C CG    A LEU A 5 ? 0.06124 0.04137 0.08634 0.01122  -0.01747 0.01189  6   LEU A CG    
67  C CG    B LEU A 5 ? 0.05808 0.08308 0.09074 -0.00338 -0.00210 -0.00624 6   LEU A CG    
68  C CD1   A LEU A 5 ? 0.08100 0.03581 0.10871 0.00937  -0.01554 0.01373  6   LEU A CD1   
69  C CD1   B LEU A 5 ? 0.08175 0.07390 0.09349 -0.00950 -0.01042 0.00502  6   LEU A CD1   
70  C CD2   A LEU A 5 ? 0.09747 0.03735 0.12568 0.00588  -0.00389 0.01844  6   LEU A CD2   
71  C CD2   B LEU A 5 ? 0.05437 0.08167 0.11459 0.01206  -0.03830 -0.00966 6   LEU A CD2   
94  N N     . AIB A 6 ? 0.02933 0.08684 0.04976 -0.00882 0.00481  0.02073  7   AIB A N     
95  C CA    . AIB A 6 ? 0.05209 0.09373 0.04654 0.00019  0.00572  0.02743  7   AIB A CA    
96  C C     . AIB A 6 ? 0.02332 0.07121 0.06509 -0.00527 -0.00355 0.01937  7   AIB A C     
97  O O     . AIB A 6 ? 0.03183 0.06964 0.08399 -0.00644 0.00008  0.03666  7   AIB A O     
98  C CB1   . AIB A 6 ? 0.07605 0.14961 0.06890 -0.02682 0.00722  0.02305  7   AIB A CB1   
99  C CB2   . AIB A 6 ? 0.05321 0.11353 0.09034 -0.01616 0.00193  0.03314  7   AIB A CB2   
107 N N     . GLN A 7 ? 0.02771 0.05574 0.09229 -0.00332 -0.00860 0.02230  8   GLN A N     
108 C CA    . GLN A 7 ? 0.03225 0.05604 0.08188 0.00684  0.01074  -0.00233 8   GLN A CA    
109 C C     . GLN A 7 ? 0.03029 0.06208 0.07257 0.01330  0.01008  0.00127  8   GLN A C     
110 O O     . GLN A 7 ? 0.02765 0.07646 0.06745 0.01035  0.01253  0.01405  8   GLN A O     
111 C CB    . GLN A 7 ? 0.01985 0.05308 0.05947 0.00332  -0.01176 -0.00162 8   GLN A CB    
112 C CG    . GLN A 7 ? 0.02226 0.05300 0.08535 0.00152  0.00289  -0.00321 8   GLN A CG    
113 C CD    . GLN A 7 ? 0.02972 0.05668 0.08317 0.01285  -0.00767 0.01114  8   GLN A CD    
114 O OE1   . GLN A 7 ? 0.04932 0.07377 0.07169 0.01235  -0.01214 0.00296  8   GLN A OE1   
115 N NE2   . GLN A 7 ? 0.05266 0.08597 0.06390 -0.01439 0.01200  0.01488  8   GLN A NE2   
124 N N     . AIB A 8 ? 0.03848 0.03977 0.07622 0.01248  0.01720  0.00674  9   AIB A N     
125 C CA    . AIB A 8 ? 0.03813 0.05693 0.08173 0.00574  0.01158  0.01177  9   AIB A CA    
126 C C     . AIB A 8 ? 0.06568 0.05925 0.07076 0.00779  0.01115  0.01517  9   AIB A C     
127 O O     . AIB A 8 ? 0.07344 0.06374 0.10481 0.01625  0.02735  0.02371  9   AIB A O     
128 C CB1   . AIB A 8 ? 0.06779 0.05552 0.08202 0.02597  0.02615  0.02192  9   AIB A CB1   
129 C CB2   . AIB A 8 ? 0.06179 0.05089 0.10400 -0.00734 0.01735  0.00309  9   AIB A CB2   
137 N N     A LEU A 9 ? 0.06187 0.05336 0.06071 0.00662  0.02097  0.02910  10  LEU A N     
138 N N     B LEU A 9 ? 0.07759 0.05876 0.08279 0.00927  0.01804  0.01618  10  LEU A N     
139 C CA    A LEU A 9 ? 0.06537 0.05572 0.08109 0.00671  0.04004  0.01837  10  LEU A CA    
140 C CA    B LEU A 9 ? 0.09681 0.06292 0.11996 0.00820  0.02854  0.00526  10  LEU A CA    
141 C C     A LEU A 9 ? 0.05604 0.07512 0.07986 -0.00830 0.03657  0.00639  10  LEU A C     
142 C C     B LEU A 9 ? 0.07357 0.06409 0.14312 0.00125  0.03454  0.00017  10  LEU A C     
143 O O     A LEU A 9 ? 0.07752 0.05513 0.09110 -0.00610 0.04829  0.00206  10  LEU A O     
144 O O     B LEU A 9 ? 0.04004 0.06656 0.10921 0.01643  0.01512  -0.00689 10  LEU A O     
145 C CB    A LEU A 9 ? 0.09402 0.07483 0.08837 0.00419  0.04316  0.01155  10  LEU A CB    
146 C CB    B LEU A 9 ? 0.13636 0.08481 0.11162 0.00686  0.04019  -0.00605 10  LEU A CB    
147 C CG    A LEU A 9 ? 0.10385 0.08194 0.08041 0.00695  0.03084  0.00662  10  LEU A CG    
148 C CG    B LEU A 9 ? 0.16081 0.09825 0.10773 0.01437  0.03589  -0.01937 10  LEU A CG    
149 C CD1   A LEU A 9 ? 0.11433 0.08212 0.11652 0.00553  0.04624  0.00180  10  LEU A CD1   
150 C CD1   B LEU A 9 ? 0.16956 0.09961 0.13261 0.01346  0.04636  -0.02547 10  LEU A CD1   
151 C CD2   A LEU A 9 ? 0.06522 0.07197 0.07882 0.01204  0.01502  0.01604  10  LEU A CD2   
152 C CD2   B LEU A 9 ? 0.15944 0.09927 0.10079 0.02451  0.03282  -0.02106 10  LEU A CD2   
175 C C11   A I77 B . ? 0.07814 0.08471 0.10928 -0.03189 -0.00169 -0.01345 101 I77 A C11   
176 C C11   B I77 B . ? 0.07709 0.05231 0.05479 -0.00421 0.02732  -0.00408 101 I77 A C11   
177 C C12   A I77 B . ? 0.06657 0.09521 0.07911 -0.02280 -0.02255 -0.00846 101 I77 A C12   
178 C C12   B I77 B . ? 0.06209 0.04098 0.08628 -0.01236 0.01521  -0.00511 101 I77 A C12   
179 C C13   A I77 B . ? 0.08057 0.11687 0.08144 -0.03020 -0.01861 -0.01124 101 I77 A C13   
180 C C13   B I77 B . ? 0.07612 0.02991 0.10665 0.00641  0.01575  0.00326  101 I77 A C13   
181 C C17   A I77 B . ? 0.07483 0.08524 0.02939 -0.01369 -0.01495 0.00521  101 I77 A C17   
182 C C17   B I77 B . ? 0.06127 0.03441 0.07728 -0.01970 -0.00441 -0.01282 101 I77 A C17   
183 C C18   A I77 B . ? 0.08902 0.08095 0.02804 -0.01986 0.00621  0.00281  101 I77 A C18   
184 C C18   B I77 B . ? 0.03191 0.04378 0.02954 -0.01970 0.01015  -0.00957 101 I77 A C18   
185 C C02   A I77 B . ? 0.15702 0.08968 0.15397 0.00793  0.04455  -0.03451 101 I77 A C02   
186 C C02   B I77 B . ? 0.02224 0.02247 0.08565 -0.00017 -0.00293 0.00401  101 I77 A C02   
187 C C03   A I77 B . ? 0.15243 0.10105 0.13577 0.00731  0.03851  -0.02352 101 I77 A C03   
188 C C03   B I77 B . ? 0.03109 0.02379 0.06138 -0.00335 0.01862  0.00397  101 I77 A C03   
189 C C04   A I77 B . ? 0.15845 0.11332 0.07698 0.00883  0.04980  -0.02027 101 I77 A C04   
190 C C04   B I77 B . ? 0.06056 0.03929 0.03842 0.00011  0.02597  -0.00561 101 I77 A C04   
191 C C05   A I77 B . ? 0.12519 0.09640 0.06487 -0.00657 0.04625  -0.01232 101 I77 A C05   
192 C C05   B I77 B . ? 0.08650 0.05355 0.05197 0.00091  0.02399  -0.01921 101 I77 A C05   
193 C C06   A I77 B . ? 0.14686 0.11101 0.13400 0.00910  0.03241  -0.02626 101 I77 A C06   
194 C C06   B I77 B . ? 0.05651 0.03034 0.05894 -0.00900 0.03264  -0.00536 101 I77 A C06   
195 C C08   A I77 B . ? 0.11694 0.10750 0.04715 0.00250  0.02644  -0.02130 101 I77 A C08   
196 C C08   B I77 B . ? 0.04700 0.04610 0.06628 -0.00820 0.02700  -0.02277 101 I77 A C08   
197 C C09   A I77 B . ? 0.10014 0.08676 0.05502 -0.02001 0.00329  -0.01009 101 I77 A C09   
198 C C09   B I77 B . ? 0.06071 0.04986 0.06582 -0.01793 0.03519  -0.01676 101 I77 A C09   
199 N N01   A I77 B . ? 0.17788 0.09775 0.11651 0.00540  0.04693  -0.04412 101 I77 A N01   
200 N N01   B I77 B . ? 0.01533 0.01873 0.04625 -0.00277 -0.00711 0.01266  101 I77 A N01   
201 N N07   A I77 B . ? 0.13745 0.12354 0.07783 0.00101  0.04296  -0.03566 101 I77 A N07   
202 N N07   B I77 B . ? 0.09732 0.04060 0.08459 -0.01363 0.05283  -0.01224 101 I77 A N07   
203 N N10   A I77 B . ? 0.08905 0.08576 0.12496 -0.02963 -0.01340 -0.02944 101 I77 A N10   
204 N N10   B I77 B . ? 0.05141 0.05983 0.07095 -0.01251 0.01150  -0.01782 101 I77 A N10   
205 N N14   A I77 B . ? 0.06207 0.10134 0.10141 -0.03192 -0.02909 -0.00972 101 I77 A N14   
206 N N14   B I77 B . ? 0.03990 0.03353 0.12981 -0.00022 0.01259  -0.00211 101 I77 A N14   
207 N N15   A I77 B . ? 0.04914 0.10439 0.11529 -0.02969 -0.01991 -0.00782 101 I77 A N15   
208 N N15   B I77 B . ? 0.05328 0.05086 0.16060 -0.00534 0.03063  -0.00341 101 I77 A N15   
209 O O16   A I77 B . ? 0.11159 0.12134 0.10397 -0.03220 0.04658  -0.01097 101 I77 A O16   
210 O O16   B I77 B . ? 0.08555 0.03093 0.12033 0.00054  0.00596  0.00084  101 I77 A O16   
211 O O19   A I77 B . ? 0.16042 0.08401 0.16373 0.00991  0.04614  -0.02995 101 I77 A O19   
212 O O19   B I77 B . ? 0.06056 0.02284 0.08354 -0.00478 -0.00879 0.00017  101 I77 A O19   
233 C C05   A I6W C . ? 0.11973 0.06357 0.04358 -0.00072 0.00874  -0.01982 102 I6W A C05   
234 C C05   B I6W C . ? 0.08023 0.11009 0.14918 0.05118  0.01585  -0.00883 102 I6W A C05   
235 C C08   A I6W C . ? 0.09715 0.08843 0.05822 -0.01913 0.02379  -0.03430 102 I6W A C08   
236 C C08   B I6W C . ? 0.08827 0.10536 0.17038 0.04090  0.03393  -0.00991 102 I6W A C08   
237 C C09   A I6W C . ? 0.06545 0.09633 0.05830 -0.00227 0.00653  -0.04121 102 I6W A C09   
238 C C09   B I6W C . ? 0.08967 0.11164 0.16277 0.04291  0.02559  -0.02791 102 I6W A C09   
239 N N10   A I6W C . ? 0.13519 0.09306 0.12661 0.01101  0.01566  -0.06002 102 I6W A N10   
240 N N10   B I6W C . ? 0.08019 0.12355 0.16959 0.03233  -0.01586 -0.03211 102 I6W A N10   
241 C C02   A I6W C . ? 0.07216 0.05917 0.10294 0.01525  0.04774  0.01245  102 I6W A C02   
242 C C02   B I6W C . ? 0.07984 0.08120 0.19451 0.02260  0.01807  0.01702  102 I6W A C02   
243 C C03   A I6W C . ? 0.10183 0.05165 0.12051 0.00600  0.02220  0.00177  102 I6W A C03   
244 C C03   B I6W C . ? 0.06803 0.08516 0.16886 0.03099  0.01450  0.01454  102 I6W A C03   
245 C C04   A I6W C . ? 0.13173 0.06390 0.10263 0.01512  -0.00224 -0.01796 102 I6W A C04   
246 C C04   B I6W C . ? 0.08429 0.10084 0.17596 0.04626  0.01071  0.00552  102 I6W A C04   
247 C C06   A I6W C . ? 0.13149 0.04124 0.13634 -0.00732 0.02515  0.00271  102 I6W A C06   
248 C C06   B I6W C . ? 0.08758 0.08672 0.15668 0.02950  0.04783  0.00221  102 I6W A C06   
249 C C11   A I6W C . ? 0.10166 0.08750 0.12902 0.00799  -0.00753 -0.04777 102 I6W A C11   
250 C C11   B I6W C . ? 0.07896 0.13071 0.12234 0.04178  0.00239  -0.04375 102 I6W A C11   
251 C C12   A I6W C . ? 0.04082 0.07318 0.10022 0.01827  0.00637  -0.02185 102 I6W A C12   
252 C C12   B I6W C . ? 0.08603 0.11479 0.16079 0.03513  0.02223  -0.02898 102 I6W A C12   
253 C C13   A I6W C . ? 0.07811 0.05946 0.08611 0.01412  0.03184  0.00424  102 I6W A C13   
254 C C13   B I6W C . ? 0.09077 0.11326 0.16991 0.00264  0.03896  -0.02103 102 I6W A C13   
255 C C15   A I6W C . ? 0.09443 0.07091 0.20866 0.02324  0.02495  0.02765  102 I6W A C15   
256 C C15   B I6W C . ? 0.19160 0.11050 0.16374 -0.01760 0.07886  -0.02781 102 I6W A C15   
257 C C16   A I6W C . ? 0.07097 0.07870 0.18658 0.01704  0.04347  0.05276  102 I6W A C16   
258 C C16   B I6W C . ? 0.10903 0.08886 0.09901 -0.00210 0.05940  -0.01613 102 I6W A C16   
259 C C18   A I6W C . ? 0.04823 0.08469 0.08294 0.01340  0.01169  -0.03563 102 I6W A C18   
260 C C18   B I6W C . ? 0.07670 0.11859 0.17555 0.03906  0.00510  -0.03524 102 I6W A C18   
261 C C19   A I6W C . ? 0.05393 0.08687 0.05606 -0.00235 0.02297  -0.02588 102 I6W A C19   
262 C C19   B I6W C . ? 0.07748 0.10718 0.16887 0.04284  0.00144  -0.02319 102 I6W A C19   
263 N N07   A I6W C . ? 0.13899 0.08289 0.10530 -0.02448 0.03306  -0.04673 102 I6W A N07   
264 N N07   B I6W C . ? 0.11583 0.11379 0.18404 0.03227  0.06225  -0.00631 102 I6W A N07   
265 O O01   A I6W C . ? 0.05967 0.05701 0.06572 0.01715  0.03402  0.00773  102 I6W A O01   
266 O O01   B I6W C . ? 0.06253 0.08300 0.20594 -0.00041 0.01575  0.01793  102 I6W A O01   
267 O O14   A I6W C . ? 0.08776 0.04682 0.13473 0.02047  0.01966  0.01757  102 I6W A O14   
268 O O14   B I6W C . ? 0.12980 0.10746 0.16245 -0.01598 0.04801  -0.02586 102 I6W A O14   
269 O O17   A I6W C . ? 0.09800 0.07242 0.09736 0.02625  -0.00002 -0.00062 102 I6W A O17   
270 O O17   B I6W C . ? 0.09768 0.14908 0.18633 -0.00187 0.04073  -0.02893 102 I6W A O17   
293 C C1    . PXY D . ? 0.23628 0.76924 0.31194 0.02417  0.07099  0.02010  103 PXY A C1    
294 C C2    . PXY D . ? 0.23967 0.77388 0.26498 -0.00502 0.05446  0.04113  103 PXY A C2    
295 C C3    . PXY D . ? 0.23511 0.76064 0.20505 -0.01734 0.02258  0.02660  103 PXY A C3    
296 C C4    . PXY D . ? 0.25888 0.77970 0.23204 -0.00030 0.04801  0.00790  103 PXY A C4    
297 C C5    . PXY D . ? 0.25881 0.78355 0.26810 0.03213  0.06542  0.00131  103 PXY A C5    
298 C C6    . PXY D . ? 0.24380 0.78052 0.30675 0.04466  0.06951  0.00201  103 PXY A C6    
299 C "C1'" . PXY D . ? 0.26585 0.77949 0.38465 0.02225  0.11431  0.02718  103 PXY A "C1'" 
300 C "C4'" . PXY D . ? 0.24069 0.84732 0.22053 -0.00235 0.01499  -0.00946 103 PXY A "C4'" 
311 C C1    . PXY E . ? 0.09434 0.27187 0.17904 0.05734  0.00760  -0.02726 104 PXY A C1    
312 C C2    . PXY E . ? 0.17950 0.30225 0.16494 0.10622  0.02132  -0.04706 104 PXY A C2    
313 C C3    . PXY E . ? 0.23075 0.31076 0.18213 0.12507  0.03035  -0.05076 104 PXY A C3    
314 C C4    . PXY E . ? 0.24516 0.30775 0.13015 0.10148  0.01327  -0.02502 104 PXY A C4    
315 C C5    . PXY E . ? 0.15175 0.29778 0.12234 0.06155  0.02380  -0.03830 104 PXY A C5    
316 C C6    . PXY E . ? 0.10118 0.28098 0.14902 0.05097  0.01023  -0.03697 104 PXY A C6    
317 C "C1'" . PXY E . ? 0.11545 0.25253 0.25101 0.02964  -0.00774 -0.00949 104 PXY A "C1'" 
318 C "C4'" . PXY E . ? 0.27601 0.30747 0.13296 0.11022  0.00541  -0.01212 104 PXY A "C4'" 
329 C C1    A PXY F . ? 0.34589 0.27166 0.16086 0.00732  -0.01293 0.09435  105 PXY A C1    
330 C C1    B PXY F . ? 0.49526 0.21928 0.17056 0.00190  -0.00341 0.02476  105 PXY A C1    
331 C C2    A PXY F . ? 0.32552 0.28094 0.12166 -0.00370 -0.02138 0.08386  105 PXY A C2    
332 C C2    B PXY F . ? 0.49433 0.19632 0.16374 -0.01568 -0.00673 0.04480  105 PXY A C2    
333 C C3    A PXY F . ? 0.32067 0.29095 0.11894 -0.03120 0.00501  0.06326  105 PXY A C3    
334 C C3    B PXY F . ? 0.48774 0.18777 0.15447 0.00392  -0.02284 0.04173  105 PXY A C3    
335 C C4    A PXY F . ? 0.29559 0.28521 0.11913 -0.06601 0.00523  0.05847  105 PXY A C4    
336 C C4    B PXY F . ? 0.49142 0.19526 0.14317 0.01786  -0.02717 0.03322  105 PXY A C4    
337 C C5    A PXY F . ? 0.30976 0.27487 0.11353 -0.02178 -0.00005 0.07667  105 PXY A C5    
338 C C5    B PXY F . ? 0.49204 0.20139 0.13499 0.01073  -0.02135 0.02682  105 PXY A C5    
339 C C6    A PXY F . ? 0.32621 0.27087 0.12579 0.00992  -0.01058 0.08909  105 PXY A C6    
340 C C6    B PXY F . ? 0.49233 0.20541 0.14437 0.00170  -0.01501 0.03290  105 PXY A C6    
341 C "C1'" A PXY F . ? 0.41326 0.27052 0.23472 0.01120  0.01682  0.08813  105 PXY A "C1'" 
342 C "C1'" B PXY F . ? 0.49475 0.23934 0.16668 -0.00235 0.02966  0.01815  105 PXY A "C1'" 
343 C "C4'" A PXY F . ? 0.25293 0.29172 0.10146 -0.10546 -0.01814 0.03078  105 PXY A "C4'" 
344 C "C4'" B PXY F . ? 0.48746 0.18604 0.15282 0.04641  -0.03458 0.03251  105 PXY A "C4'" 
# 
